data_4HCC
#
_entry.id   4HCC
#
_cell.length_a   63.037
_cell.length_b   108.692
_cell.length_c   158.403
_cell.angle_alpha   90.00
_cell.angle_beta   90.00
_cell.angle_gamma   90.00
#
_symmetry.space_group_name_H-M   'P 21 21 21'
#
loop_
_entity.id
_entity.type
_entity.pdbx_description
1 polymer 'Exodeoxyribonuclease I'
2 polymer "DNA (5'-D(*AP*AP*AP*AP*AP*AP*AP*AP*AP*AP*AP*A)-3')"
3 non-polymer 'SULFATE ION'
4 non-polymer 'ZINC ION'
5 non-polymer 'ISOPROPYL ALCOHOL'
6 non-polymer 'PHOSPHATE ION'
7 water water
#
loop_
_entity_poly.entity_id
_entity_poly.type
_entity_poly.pdbx_seq_one_letter_code
_entity_poly.pdbx_strand_id
1 'polypeptide(L)'
;MMNDGKQQSTFLFHDYETFGTHPALDRPAQFAAIRTDSEFNVIGEPEVFYCKPADDYLPQPGAVLITGITPQEARAKGEN
EAAFAARIHSLFTVPKTCILGYNNVRFDDEVTRNIFYRNFYDPYAWSWQHDNSRWDLLDVMRACYALRPEGINWPENDDG
LPSFRLEHLTKANGIEHSNAHDAMADVYATIAMAKLVKTRQPRLFDYLFTHRNKHKLMALIDVPQMKPLVHVSGMFGAWR
GNTSWVAPLAWHPENRNAVIMVDLAGDISPLLELDSDTLRERLYTAKTDLGDNAAVPVKLVHINKCPVLAQANTLRPEDA
DRLGINRQHCLDNLKILRENPQVREKVVAIFAEAEPFTPSDNVDAQLYNGFFSDADRAAMKIVLETEPRNLPALDITFVD
KRIEKLLFNYRARNFPGTLDYAEQQRWLEHRRQVFTPEFLQGYADELQMLVQQYADDKEKVALLKALWQYADEIVHHHHH
H
;
A,B
2 'polydeoxyribonucleotide' (DA)(DA)(DA)(DA)(DA)(DA)(DA)(DA)(DA)(DA)(DA)(DA) C,D
#
# COMPACT_ATOMS: atom_id res chain seq x y z
N GLN A 7 -7.05 26.70 9.10
CA GLN A 7 -6.46 25.52 9.83
C GLN A 7 -4.93 25.50 9.72
N GLN A 8 -4.27 25.04 10.79
CA GLN A 8 -2.81 24.91 10.79
C GLN A 8 -2.37 23.59 11.41
N SER A 9 -1.21 23.10 10.95
CA SER A 9 -0.60 21.87 11.46
C SER A 9 -0.18 21.97 12.92
N THR A 10 -0.57 20.96 13.69
CA THR A 10 -0.32 20.91 15.11
C THR A 10 0.17 19.51 15.50
N PHE A 11 0.80 19.42 16.67
CA PHE A 11 1.09 18.14 17.32
C PHE A 11 0.16 17.97 18.50
N LEU A 12 -0.42 16.77 18.62
CA LEU A 12 -1.21 16.45 19.80
C LEU A 12 -0.51 15.36 20.62
N PHE A 13 0.08 15.76 21.75
CA PHE A 13 0.77 14.82 22.63
C PHE A 13 -0.24 14.21 23.56
N HIS A 14 -0.29 12.88 23.59
CA HIS A 14 -1.24 12.20 24.46
C HIS A 14 -0.63 11.06 25.21
N ASP A 15 -1.31 10.66 26.28
CA ASP A 15 -0.91 9.54 27.11
C ASP A 15 -2.12 8.93 27.79
N TYR A 16 -2.12 7.61 27.90
CA TYR A 16 -3.09 6.89 28.69
C TYR A 16 -2.44 6.33 29.96
N GLU A 17 -3.22 6.22 31.02
CA GLU A 17 -2.94 5.28 32.11
C GLU A 17 -4.10 4.30 32.11
N THR A 18 -3.81 3.00 32.08
CA THR A 18 -4.84 1.98 31.96
C THR A 18 -4.86 1.03 33.15
N PHE A 19 -5.86 0.17 33.19
CA PHE A 19 -5.98 -0.80 34.27
C PHE A 19 -5.32 -2.15 33.94
N GLY A 20 -4.55 -2.20 32.85
CA GLY A 20 -3.87 -3.42 32.45
C GLY A 20 -3.17 -3.29 31.12
N THR A 21 -2.37 -4.31 30.79
CA THR A 21 -1.48 -4.24 29.65
C THR A 21 -2.11 -4.69 28.32
N HIS A 22 -3.35 -5.17 28.35
CA HIS A 22 -4.01 -5.64 27.14
C HIS A 22 -5.09 -4.71 26.68
N PRO A 23 -4.87 -4.03 25.54
CA PRO A 23 -5.78 -2.97 25.05
C PRO A 23 -7.22 -3.43 24.77
N ALA A 24 -7.37 -4.72 24.42
CA ALA A 24 -8.66 -5.29 24.09
C ALA A 24 -9.46 -5.74 25.32
N LEU A 25 -8.78 -6.33 26.29
CA LEU A 25 -9.47 -6.88 27.46
C LEU A 25 -9.42 -5.95 28.67
N ASP A 26 -8.29 -5.30 28.89
CA ASP A 26 -8.19 -4.32 29.95
C ASP A 26 -8.81 -2.98 29.52
N ARG A 27 -9.19 -2.14 30.49
CA ARG A 27 -9.88 -0.89 30.19
C ARG A 27 -9.02 0.31 30.60
N PRO A 28 -9.23 1.48 29.96
CA PRO A 28 -8.40 2.64 30.23
C PRO A 28 -8.83 3.36 31.49
N ALA A 29 -7.96 4.18 32.06
CA ALA A 29 -8.28 4.87 33.31
C ALA A 29 -8.18 6.38 33.21
N GLN A 30 -7.11 6.86 32.57
CA GLN A 30 -6.82 8.29 32.48
C GLN A 30 -6.35 8.61 31.07
N PHE A 31 -6.67 9.81 30.60
CA PHE A 31 -6.18 10.27 29.31
C PHE A 31 -5.77 11.73 29.40
N ALA A 32 -4.61 12.05 28.84
CA ALA A 32 -4.12 13.43 28.82
C ALA A 32 -3.61 13.81 27.44
N ALA A 33 -3.72 15.10 27.10
CA ALA A 33 -3.26 15.62 25.81
C ALA A 33 -3.00 17.12 25.86
N ILE A 34 -1.93 17.55 25.20
CA ILE A 34 -1.71 18.97 24.93
C ILE A 34 -1.50 19.19 23.44
N ARG A 35 -2.07 20.24 22.90
CA ARG A 35 -1.86 20.55 21.49
C ARG A 35 -0.72 21.55 21.36
N THR A 36 0.13 21.39 20.35
CA THR A 36 1.23 22.34 20.14
C THR A 36 1.45 22.69 18.68
N ASP A 37 2.09 23.82 18.44
CA ASP A 37 2.48 24.22 17.09
C ASP A 37 3.73 23.45 16.64
N SER A 38 4.25 23.78 15.46
CA SER A 38 5.45 23.17 14.89
C SER A 38 6.69 23.32 15.76
N GLU A 39 6.68 24.32 16.63
CA GLU A 39 7.83 24.63 17.48
C GLU A 39 7.59 24.28 18.96
N PHE A 40 6.51 23.56 19.23
CA PHE A 40 6.19 23.03 20.56
C PHE A 40 5.75 24.07 21.59
N ASN A 41 4.77 24.88 21.21
CA ASN A 41 4.18 25.86 22.11
C ASN A 41 2.72 25.51 22.34
N VAL A 42 2.37 25.30 23.61
CA VAL A 42 1.00 24.97 24.03
C VAL A 42 -0.04 25.85 23.34
N ILE A 43 -1.02 25.20 22.69
CA ILE A 43 -2.20 25.87 22.14
C ILE A 43 -3.41 25.47 22.99
N GLY A 44 -4.10 26.46 23.54
CA GLY A 44 -5.26 26.24 24.40
C GLY A 44 -4.91 25.58 25.73
N GLU A 45 -5.90 24.89 26.30
CA GLU A 45 -5.75 24.24 27.60
C GLU A 45 -5.51 22.74 27.48
N PRO A 46 -4.52 22.21 28.23
CA PRO A 46 -4.37 20.78 28.47
C PRO A 46 -5.69 20.09 28.81
N GLU A 47 -5.77 18.80 28.48
CA GLU A 47 -6.94 18.00 28.81
C GLU A 47 -6.52 16.80 29.64
N VAL A 48 -7.34 16.44 30.62
CA VAL A 48 -7.07 15.31 31.48
C VAL A 48 -8.37 14.80 32.09
N PHE A 49 -8.75 13.58 31.73
CA PHE A 49 -9.96 13.00 32.25
C PHE A 49 -9.83 11.51 32.52
N TYR A 50 -10.77 11.01 33.31
CA TYR A 50 -10.81 9.62 33.74
C TYR A 50 -11.96 8.93 33.06
N CYS A 51 -11.98 7.61 33.21
CA CYS A 51 -13.00 6.78 32.61
C CYS A 51 -13.65 5.97 33.74
N LYS A 52 -14.97 6.02 33.83
CA LYS A 52 -15.73 5.25 34.81
C LYS A 52 -15.73 3.79 34.36
N PRO A 53 -15.05 2.90 35.12
CA PRO A 53 -14.94 1.48 34.69
C PRO A 53 -16.25 0.69 34.90
N ALA A 54 -16.65 -0.10 33.91
CA ALA A 54 -17.95 -0.82 33.98
C ALA A 54 -17.95 -1.92 35.03
N ASP A 55 -19.15 -2.44 35.31
CA ASP A 55 -19.40 -3.41 36.37
C ASP A 55 -18.93 -4.85 36.07
N ASP A 56 -18.37 -5.07 34.87
CA ASP A 56 -17.92 -6.40 34.48
C ASP A 56 -16.40 -6.48 34.34
N TYR A 57 -15.69 -5.66 35.10
CA TYR A 57 -14.26 -5.56 34.99
C TYR A 57 -13.60 -5.26 36.30
N LEU A 58 -12.62 -6.09 36.65
CA LEU A 58 -11.68 -5.80 37.73
C LEU A 58 -10.30 -5.51 37.13
N PRO A 59 -9.58 -4.51 37.68
CA PRO A 59 -8.29 -4.13 37.10
C PRO A 59 -7.13 -5.01 37.56
N GLN A 60 -6.06 -5.02 36.78
CA GLN A 60 -4.85 -5.71 37.16
C GLN A 60 -4.19 -5.01 38.35
N PRO A 61 -3.90 -5.78 39.41
CA PRO A 61 -3.25 -5.23 40.60
C PRO A 61 -1.92 -4.55 40.25
N GLY A 62 -1.12 -5.20 39.41
CA GLY A 62 0.13 -4.64 38.91
C GLY A 62 -0.01 -3.21 38.40
N ALA A 63 -1.01 -3.01 37.54
CA ALA A 63 -1.28 -1.70 36.93
C ALA A 63 -1.60 -0.64 37.96
N VAL A 64 -2.51 -0.95 38.90
CA VAL A 64 -2.90 -0.01 39.94
C VAL A 64 -1.71 0.34 40.84
N LEU A 65 -0.88 -0.66 41.12
CA LEU A 65 0.36 -0.42 41.86
C LEU A 65 1.25 0.60 41.17
N ILE A 66 1.29 0.53 39.84
CA ILE A 66 2.13 1.43 39.06
C ILE A 66 1.59 2.85 38.97
N THR A 67 0.28 3.00 38.74
CA THR A 67 -0.33 4.31 38.51
C THR A 67 -0.94 4.97 39.73
N GLY A 68 -1.20 4.20 40.78
CA GLY A 68 -1.83 4.73 41.98
C GLY A 68 -3.30 5.08 41.77
N ILE A 69 -3.83 4.81 40.58
CA ILE A 69 -5.23 5.11 40.30
C ILE A 69 -6.08 3.91 40.67
N THR A 70 -6.89 4.07 41.70
CA THR A 70 -7.82 3.02 42.11
C THR A 70 -9.06 3.11 41.23
N PRO A 71 -9.80 2.00 41.07
CA PRO A 71 -11.07 2.06 40.34
C PRO A 71 -12.08 3.03 40.97
N GLN A 72 -12.13 3.10 42.30
CA GLN A 72 -13.06 4.02 42.97
C GLN A 72 -12.73 5.45 42.54
N GLU A 73 -11.44 5.75 42.50
CA GLU A 73 -10.94 7.05 42.03
C GLU A 73 -11.50 7.39 40.66
N ALA A 74 -11.30 6.49 39.69
CA ALA A 74 -11.83 6.67 38.34
C ALA A 74 -13.36 6.59 38.30
N ARG A 75 -13.95 5.80 39.21
CA ARG A 75 -15.39 5.69 39.26
C ARG A 75 -15.99 7.03 39.64
N ALA A 76 -15.35 7.72 40.57
CA ALA A 76 -15.88 8.99 41.06
C ALA A 76 -15.75 10.05 39.99
N LYS A 77 -14.53 10.48 39.71
CA LYS A 77 -14.32 11.66 38.86
C LYS A 77 -14.34 11.44 37.34
N GLY A 78 -14.68 10.24 36.89
CA GLY A 78 -14.71 9.93 35.48
C GLY A 78 -16.13 9.79 34.95
N GLU A 79 -16.23 9.57 33.64
CA GLU A 79 -17.50 9.32 32.96
C GLU A 79 -17.45 7.98 32.21
N ASN A 80 -18.59 7.49 31.73
CA ASN A 80 -18.67 6.20 31.05
C ASN A 80 -17.75 6.12 29.83
N GLU A 81 -17.38 4.90 29.44
CA GLU A 81 -16.45 4.71 28.33
C GLU A 81 -16.96 5.30 27.00
N ALA A 82 -18.28 5.44 26.86
CA ALA A 82 -18.86 6.01 25.64
C ALA A 82 -18.67 7.53 25.52
N ALA A 83 -18.70 8.23 26.64
CA ALA A 83 -18.46 9.68 26.67
C ALA A 83 -16.96 9.95 26.67
N PHE A 84 -16.21 9.08 27.34
CA PHE A 84 -14.76 9.04 27.25
C PHE A 84 -14.35 8.95 25.78
N ALA A 85 -14.84 7.92 25.09
CA ALA A 85 -14.55 7.69 23.68
C ALA A 85 -14.87 8.90 22.83
N ALA A 86 -16.07 9.44 23.02
CA ALA A 86 -16.57 10.56 22.21
C ALA A 86 -15.69 11.80 22.29
N ARG A 87 -15.19 12.11 23.48
CA ARG A 87 -14.41 13.32 23.66
C ARG A 87 -12.95 13.19 23.21
N ILE A 88 -12.37 12.00 23.36
CA ILE A 88 -11.05 11.69 22.79
C ILE A 88 -11.16 11.75 21.27
N HIS A 89 -12.29 11.28 20.76
CA HIS A 89 -12.51 11.25 19.32
C HIS A 89 -12.51 12.62 18.72
N SER A 90 -13.19 13.58 19.35
CA SER A 90 -13.24 14.92 18.78
C SER A 90 -11.88 15.63 18.80
N LEU A 91 -11.03 15.36 19.81
CA LEU A 91 -9.65 15.91 19.83
C LEU A 91 -8.84 15.32 18.70
N PHE A 92 -8.95 13.99 18.56
CA PHE A 92 -8.13 13.24 17.62
C PHE A 92 -8.46 13.52 16.15
N THR A 93 -9.64 14.04 15.88
CA THR A 93 -10.08 14.20 14.49
C THR A 93 -10.06 15.64 13.99
N VAL A 94 -9.50 16.55 14.80
CA VAL A 94 -9.22 17.91 14.32
C VAL A 94 -8.26 17.80 13.15
N PRO A 95 -8.63 18.40 12.00
CA PRO A 95 -7.83 18.30 10.76
C PRO A 95 -6.39 18.74 10.91
N LYS A 96 -5.51 18.14 10.11
CA LYS A 96 -4.07 18.44 10.10
C LYS A 96 -3.33 18.19 11.44
N THR A 97 -3.84 17.27 12.25
CA THR A 97 -3.22 16.90 13.53
C THR A 97 -2.24 15.73 13.40
N CYS A 98 -1.04 15.89 13.98
CA CYS A 98 -0.16 14.74 14.16
C CYS A 98 -0.25 14.29 15.59
N ILE A 99 -0.81 13.11 15.78
CA ILE A 99 -1.04 12.55 17.11
C ILE A 99 0.18 11.72 17.46
N LEU A 100 0.81 12.03 18.59
CA LEU A 100 2.03 11.36 18.98
C LEU A 100 2.15 11.20 20.49
N GLY A 101 3.19 10.49 20.92
CA GLY A 101 3.35 10.18 22.34
C GLY A 101 4.62 9.40 22.54
N TYR A 102 4.67 8.66 23.64
CA TYR A 102 5.84 7.85 23.97
C TYR A 102 5.46 6.37 24.09
N ASN A 103 5.96 5.56 23.14
CA ASN A 103 5.61 4.15 23.03
C ASN A 103 4.13 4.02 22.72
N ASN A 104 3.62 4.99 21.98
CA ASN A 104 2.20 5.09 21.67
C ASN A 104 1.75 4.19 20.52
N VAL A 105 2.67 3.85 19.63
CA VAL A 105 2.36 2.99 18.49
C VAL A 105 2.06 1.56 18.93
N ARG A 106 2.86 1.04 19.85
CA ARG A 106 2.67 -0.34 20.32
C ARG A 106 1.71 -0.45 21.50
N PHE A 107 1.52 0.65 22.23
CA PHE A 107 0.56 0.63 23.33
C PHE A 107 -0.62 1.56 23.11
N ASP A 108 -0.40 2.86 23.22
CA ASP A 108 -1.48 3.83 23.31
C ASP A 108 -2.44 3.82 22.11
N ASP A 109 -1.91 3.64 20.91
CA ASP A 109 -2.75 3.66 19.72
C ASP A 109 -3.61 2.39 19.63
N GLU A 110 -3.11 1.31 20.21
CA GLU A 110 -3.87 0.07 20.30
C GLU A 110 -5.08 0.23 21.20
N VAL A 111 -4.88 0.96 22.30
CA VAL A 111 -5.95 1.26 23.24
C VAL A 111 -6.97 2.16 22.55
N THR A 112 -6.49 3.18 21.85
CA THR A 112 -7.34 4.09 21.10
C THR A 112 -8.21 3.36 20.11
N ARG A 113 -7.60 2.44 19.37
CA ARG A 113 -8.33 1.67 18.37
C ARG A 113 -9.48 0.89 18.99
N ASN A 114 -9.23 0.26 20.13
CA ASN A 114 -10.24 -0.57 20.77
C ASN A 114 -11.34 0.22 21.44
N ILE A 115 -11.00 1.39 21.99
CA ILE A 115 -11.99 2.29 22.56
C ILE A 115 -12.99 2.72 21.49
N PHE A 116 -12.50 2.98 20.28
CA PHE A 116 -13.37 3.36 19.18
C PHE A 116 -14.21 2.18 18.69
N TYR A 117 -13.55 1.05 18.50
CA TYR A 117 -14.21 -0.21 18.18
C TYR A 117 -15.37 -0.56 19.13
N ARG A 118 -15.16 -0.44 20.43
CA ARG A 118 -16.19 -0.77 21.41
C ARG A 118 -17.35 0.23 21.45
N ASN A 119 -17.09 1.46 21.01
CA ASN A 119 -18.04 2.55 21.14
C ASN A 119 -18.45 3.15 19.81
N PHE A 120 -18.25 2.39 18.75
CA PHE A 120 -18.84 2.70 17.44
C PHE A 120 -18.22 3.93 16.78
N TYR A 121 -16.91 4.07 16.91
CA TYR A 121 -16.18 5.06 16.15
C TYR A 121 -15.24 4.34 15.19
N ASP A 122 -14.85 5.00 14.10
CA ASP A 122 -13.89 4.37 13.21
C ASP A 122 -12.58 4.07 13.97
N PRO A 123 -12.15 2.81 13.94
CA PRO A 123 -10.91 2.42 14.65
C PRO A 123 -9.65 3.18 14.17
N TYR A 124 -9.67 3.66 12.93
CA TYR A 124 -8.44 4.13 12.27
C TYR A 124 -8.46 5.55 11.69
N ALA A 125 -9.64 6.03 11.25
CA ALA A 125 -9.79 7.34 10.60
C ALA A 125 -9.01 8.49 11.25
N TRP A 126 -9.05 8.55 12.58
CA TRP A 126 -8.31 9.57 13.34
C TRP A 126 -6.84 9.67 12.96
N SER A 127 -6.30 8.60 12.37
CA SER A 127 -4.86 8.51 12.14
C SER A 127 -4.43 8.76 10.69
N TRP A 128 -5.37 9.10 9.80
CA TRP A 128 -5.01 9.39 8.40
C TRP A 128 -5.86 10.44 7.76
N GLN A 129 -7.09 10.59 8.22
CA GLN A 129 -8.05 11.45 7.52
C GLN A 129 -7.83 12.90 7.87
N HIS A 130 -8.16 13.76 6.89
CA HIS A 130 -7.96 15.21 6.99
C HIS A 130 -6.53 15.52 7.33
N ASP A 131 -5.62 14.85 6.61
CA ASP A 131 -4.17 15.04 6.76
C ASP A 131 -3.63 14.74 8.16
N ASN A 132 -4.28 13.81 8.86
CA ASN A 132 -3.77 13.37 10.13
C ASN A 132 -2.71 12.30 9.97
N SER A 133 -1.85 12.18 10.99
CA SER A 133 -0.81 11.15 11.00
C SER A 133 -0.42 10.89 12.44
N ARG A 134 0.30 9.80 12.67
CA ARG A 134 0.83 9.50 14.00
C ARG A 134 2.36 9.41 14.03
N TRP A 135 2.93 9.42 15.23
CA TRP A 135 4.37 9.37 15.41
C TRP A 135 4.70 8.90 16.79
N ASP A 136 5.81 8.19 16.92
CA ASP A 136 6.23 7.66 18.21
C ASP A 136 7.56 8.25 18.52
N LEU A 137 7.64 8.85 19.71
CA LEU A 137 8.83 9.57 20.14
C LEU A 137 9.86 8.65 20.79
N LEU A 138 9.41 7.49 21.27
CA LEU A 138 10.33 6.53 21.88
C LEU A 138 11.38 6.10 20.88
N ASP A 139 10.93 5.76 19.69
CA ASP A 139 11.82 5.30 18.64
C ASP A 139 12.79 6.37 18.18
N VAL A 140 12.39 7.63 18.29
CA VAL A 140 13.26 8.76 17.95
C VAL A 140 14.40 8.91 18.96
N MET A 141 14.09 8.81 20.24
CA MET A 141 15.12 8.85 21.28
C MET A 141 16.17 7.77 21.04
N ARG A 142 15.70 6.54 20.83
CA ARG A 142 16.55 5.41 20.52
C ARG A 142 17.44 5.65 19.30
N ALA A 143 16.83 6.19 18.24
CA ALA A 143 17.55 6.49 17.01
C ALA A 143 18.66 7.52 17.24
N CYS A 144 18.36 8.49 18.11
CA CYS A 144 19.30 9.56 18.41
C CYS A 144 20.53 9.05 19.16
N TYR A 145 20.31 8.12 20.08
CA TYR A 145 21.40 7.50 20.83
C TYR A 145 22.31 6.67 19.93
N ALA A 146 21.71 6.01 18.95
CA ALA A 146 22.47 5.17 18.05
C ALA A 146 23.20 5.99 16.99
N LEU A 147 22.49 6.94 16.38
CA LEU A 147 23.00 7.62 15.19
C LEU A 147 23.67 8.97 15.44
N ARG A 148 23.06 9.82 16.28
CA ARG A 148 23.60 11.15 16.58
C ARG A 148 23.50 11.49 18.08
N PRO A 149 24.33 10.85 18.94
CA PRO A 149 24.17 11.00 20.39
C PRO A 149 24.71 12.29 21.00
N GLU A 150 25.52 13.02 20.23
CA GLU A 150 26.21 14.24 20.71
C GLU A 150 25.25 15.33 21.18
N GLY A 151 25.47 15.83 22.41
CA GLY A 151 24.71 16.96 22.93
C GLY A 151 23.50 16.62 23.80
N ILE A 152 23.46 15.40 24.30
CA ILE A 152 22.38 14.93 25.19
C ILE A 152 22.97 13.87 26.14
N ASN A 153 22.35 13.71 27.30
CA ASN A 153 22.79 12.70 28.26
C ASN A 153 21.96 11.42 28.25
N TRP A 154 22.66 10.29 28.20
CA TRP A 154 22.03 8.99 28.15
C TRP A 154 22.39 8.17 29.36
N PRO A 155 21.40 7.91 30.22
CA PRO A 155 21.58 7.15 31.46
C PRO A 155 21.81 5.67 31.20
N GLU A 156 22.48 5.01 32.15
CA GLU A 156 22.88 3.61 32.04
C GLU A 156 22.43 2.75 33.23
N ASN A 157 22.81 1.47 33.23
CA ASN A 157 22.57 0.55 34.36
C ASN A 157 23.33 -0.79 34.27
N LEU A 161 24.55 -0.05 30.23
CA LEU A 161 23.45 -0.24 29.28
C LEU A 161 22.41 0.89 29.34
N PRO A 162 22.14 1.51 28.18
CA PRO A 162 21.28 2.70 28.07
C PRO A 162 19.80 2.42 28.37
N SER A 163 19.19 3.26 29.22
CA SER A 163 17.77 3.16 29.51
C SER A 163 17.02 4.24 28.76
N PHE A 164 15.83 3.89 28.26
CA PHE A 164 15.00 4.85 27.53
C PHE A 164 13.65 5.01 28.20
N ARG A 165 13.64 4.77 29.51
CA ARG A 165 12.47 5.04 30.31
C ARG A 165 12.41 6.53 30.54
N LEU A 166 11.22 7.09 30.35
CA LEU A 166 11.04 8.54 30.27
C LEU A 166 11.51 9.29 31.50
N GLU A 167 11.23 8.71 32.68
CA GLU A 167 11.62 9.30 33.96
C GLU A 167 13.14 9.42 34.09
N HIS A 168 13.88 8.51 33.46
CA HIS A 168 15.36 8.54 33.50
C HIS A 168 15.91 9.59 32.58
N LEU A 169 15.38 9.67 31.37
CA LEU A 169 15.87 10.61 30.36
C LEU A 169 15.64 12.08 30.73
N THR A 170 14.64 12.34 31.56
CA THR A 170 14.35 13.70 32.02
C THR A 170 15.27 14.07 33.18
N LYS A 171 15.29 13.21 34.19
CA LYS A 171 16.17 13.34 35.36
C LYS A 171 17.61 13.59 34.93
N ALA A 172 18.12 12.75 34.03
CA ALA A 172 19.51 12.82 33.58
C ALA A 172 19.78 13.94 32.56
N ASN A 173 18.85 14.87 32.42
CA ASN A 173 19.02 16.01 31.51
C ASN A 173 18.61 17.36 32.12
N GLY A 174 17.91 17.31 33.25
CA GLY A 174 17.55 18.52 34.00
C GLY A 174 16.15 19.02 33.68
N ILE A 175 15.18 18.12 33.77
CA ILE A 175 13.78 18.43 33.49
C ILE A 175 12.91 17.82 34.58
N GLU A 176 11.90 18.58 35.03
CA GLU A 176 10.97 18.12 36.08
C GLU A 176 10.35 16.77 35.70
N HIS A 177 10.39 15.84 36.65
CA HIS A 177 9.89 14.49 36.45
C HIS A 177 9.08 14.04 37.64
N SER A 178 8.39 15.00 38.26
CA SER A 178 7.57 14.78 39.45
C SER A 178 6.35 13.92 39.14
N ASN A 179 6.05 12.99 40.05
CA ASN A 179 4.95 12.01 39.90
C ASN A 179 4.74 11.43 38.51
N ALA A 180 5.67 10.55 38.12
CA ALA A 180 5.62 9.82 36.85
C ALA A 180 4.50 8.78 36.84
N HIS A 181 4.09 8.39 35.64
CA HIS A 181 2.94 7.50 35.41
C HIS A 181 1.63 8.16 35.76
N ASP A 182 1.68 9.47 35.97
CA ASP A 182 0.53 10.33 35.82
C ASP A 182 0.54 10.85 34.38
N ALA A 183 -0.57 10.69 33.68
CA ALA A 183 -0.65 11.01 32.25
C ALA A 183 -0.15 12.42 31.88
N MET A 184 -0.71 13.45 32.51
CA MET A 184 -0.34 14.85 32.23
C MET A 184 1.16 15.10 32.36
N ALA A 185 1.77 14.56 33.41
CA ALA A 185 3.20 14.75 33.64
C ALA A 185 4.04 14.10 32.56
N ASP A 186 3.65 12.89 32.15
CA ASP A 186 4.39 12.17 31.10
C ASP A 186 4.29 12.85 29.73
N VAL A 187 3.12 13.42 29.43
CA VAL A 187 3.00 14.28 28.26
C VAL A 187 3.99 15.44 28.34
N TYR A 188 4.08 16.10 29.50
CA TYR A 188 5.02 17.22 29.67
C TYR A 188 6.46 16.78 29.43
N ALA A 189 6.85 15.68 30.05
CA ALA A 189 8.17 15.09 29.83
C ALA A 189 8.38 14.72 28.37
N THR A 190 7.35 14.18 27.72
CA THR A 190 7.42 13.83 26.30
C THR A 190 7.72 15.08 25.49
N ILE A 191 6.90 16.13 25.70
CA ILE A 191 7.11 17.43 25.05
C ILE A 191 8.55 17.91 25.31
N ALA A 192 9.00 17.75 26.55
CA ALA A 192 10.38 18.10 26.94
C ALA A 192 11.45 17.43 26.05
N MET A 193 11.41 16.11 25.93
CA MET A 193 12.38 15.40 25.09
C MET A 193 12.28 15.78 23.61
N ALA A 194 11.07 16.09 23.15
CA ALA A 194 10.84 16.52 21.78
C ALA A 194 11.58 17.82 21.48
N LYS A 195 11.48 18.80 22.38
CA LYS A 195 12.15 20.10 22.21
C LYS A 195 13.67 19.92 22.17
N LEU A 196 14.20 19.20 23.16
CA LEU A 196 15.63 18.94 23.26
C LEU A 196 16.22 18.40 21.95
N VAL A 197 15.73 17.24 21.53
CA VAL A 197 16.24 16.56 20.33
C VAL A 197 16.11 17.43 19.08
N LYS A 198 15.01 18.16 18.94
CA LYS A 198 14.82 19.02 17.78
C LYS A 198 15.84 20.16 17.79
N THR A 199 16.26 20.55 19.00
CA THR A 199 17.27 21.59 19.17
C THR A 199 18.69 21.06 18.89
N ARG A 200 19.04 19.98 19.58
CA ARG A 200 20.38 19.41 19.50
C ARG A 200 20.67 18.64 18.21
N GLN A 201 19.61 18.12 17.57
CA GLN A 201 19.77 17.28 16.36
C GLN A 201 18.69 17.53 15.31
N PRO A 202 18.55 18.78 14.84
CA PRO A 202 17.48 19.11 13.89
C PRO A 202 17.54 18.25 12.62
N ARG A 203 18.73 17.95 12.15
CA ARG A 203 18.95 17.11 10.96
C ARG A 203 18.26 15.74 11.04
N LEU A 204 18.51 15.03 12.15
CA LEU A 204 17.94 13.70 12.38
C LEU A 204 16.46 13.78 12.69
N PHE A 205 16.09 14.70 13.59
CA PHE A 205 14.70 14.88 13.97
C PHE A 205 13.84 15.16 12.75
N ASP A 206 14.22 16.11 11.92
CA ASP A 206 13.39 16.42 10.78
C ASP A 206 13.34 15.30 9.79
N TYR A 207 14.44 14.60 9.66
CA TYR A 207 14.48 13.45 8.76
C TYR A 207 13.50 12.37 9.19
N LEU A 208 13.53 12.08 10.50
CA LEU A 208 12.72 11.04 11.09
C LEU A 208 11.22 11.34 10.96
N PHE A 209 10.84 12.59 11.30
CA PHE A 209 9.49 13.07 11.12
C PHE A 209 9.00 12.93 9.67
N THR A 210 9.81 13.40 8.72
CA THR A 210 9.44 13.33 7.31
C THR A 210 9.31 11.88 6.82
N HIS A 211 9.87 10.95 7.58
CA HIS A 211 9.86 9.53 7.24
C HIS A 211 8.93 8.71 8.10
N ARG A 212 7.96 9.37 8.72
CA ARG A 212 6.96 8.65 9.53
C ARG A 212 5.91 7.98 8.64
N ASN A 213 5.67 8.58 7.48
CA ASN A 213 4.68 8.09 6.52
C ASN A 213 5.23 6.92 5.69
N LYS A 214 4.40 5.92 5.46
CA LYS A 214 4.86 4.66 4.85
C LYS A 214 5.36 4.79 3.40
N HIS A 215 4.94 5.82 2.69
CA HIS A 215 5.35 5.96 1.30
C HIS A 215 6.75 6.45 1.16
N LYS A 216 7.19 7.25 2.13
CA LYS A 216 8.58 7.72 2.16
C LYS A 216 9.52 6.57 2.50
N LEU A 217 9.05 5.67 3.36
CA LEU A 217 9.82 4.53 3.81
C LEU A 217 10.04 3.49 2.72
N MET A 218 9.04 3.29 1.86
CA MET A 218 9.16 2.34 0.77
C MET A 218 10.19 2.78 -0.26
N ALA A 219 10.49 4.07 -0.27
CA ALA A 219 11.56 4.63 -1.10
C ALA A 219 12.94 4.07 -0.71
N LEU A 220 13.07 3.63 0.54
CA LEU A 220 14.32 3.04 1.04
C LEU A 220 14.40 1.54 0.77
N ILE A 221 13.25 0.88 0.69
CA ILE A 221 13.21 -0.58 0.61
C ILE A 221 13.25 -1.09 -0.83
N ASP A 222 14.30 -1.85 -1.13
CA ASP A 222 14.45 -2.50 -2.43
C ASP A 222 14.63 -4.01 -2.26
N VAL A 223 13.56 -4.77 -2.50
CA VAL A 223 13.61 -6.22 -2.33
C VAL A 223 14.63 -6.88 -3.27
N PRO A 224 14.51 -6.66 -4.60
CA PRO A 224 15.38 -7.38 -5.54
C PRO A 224 16.89 -7.23 -5.30
N GLN A 225 17.34 -6.03 -4.93
CA GLN A 225 18.76 -5.76 -4.71
C GLN A 225 19.22 -6.11 -3.30
N MET A 226 18.27 -6.28 -2.38
CA MET A 226 18.55 -6.42 -0.95
C MET A 226 19.44 -5.28 -0.43
N LYS A 227 19.25 -4.07 -0.99
CA LYS A 227 19.99 -2.87 -0.58
C LYS A 227 19.94 -2.72 0.95
N PRO A 228 21.12 -2.66 1.61
CA PRO A 228 21.16 -2.70 3.07
C PRO A 228 20.70 -1.41 3.74
N LEU A 229 20.11 -1.54 4.92
CA LEU A 229 19.65 -0.38 5.67
C LEU A 229 20.03 -0.47 7.15
N VAL A 230 20.33 0.67 7.75
CA VAL A 230 20.45 0.73 9.19
C VAL A 230 19.02 0.79 9.76
N HIS A 231 18.77 0.01 10.82
CA HIS A 231 17.45 -0.06 11.43
C HIS A 231 17.58 -0.04 12.92
N VAL A 232 16.92 0.95 13.55
CA VAL A 232 16.87 1.05 15.01
C VAL A 232 15.52 0.53 15.49
N SER A 233 15.57 -0.44 16.40
CA SER A 233 14.38 -1.09 16.94
C SER A 233 14.72 -1.71 18.28
N GLY A 234 13.78 -1.63 19.21
CA GLY A 234 13.95 -2.18 20.55
C GLY A 234 14.29 -3.66 20.60
N MET A 235 13.80 -4.42 19.62
CA MET A 235 14.04 -5.87 19.58
C MET A 235 15.51 -6.25 19.38
N PHE A 236 16.32 -5.30 18.91
CA PHE A 236 17.73 -5.55 18.72
C PHE A 236 18.50 -5.55 20.04
N GLY A 237 17.90 -4.96 21.07
CA GLY A 237 18.48 -5.00 22.41
C GLY A 237 19.42 -3.85 22.69
N ALA A 238 19.44 -3.41 23.95
CA ALA A 238 20.26 -2.29 24.38
C ALA A 238 21.74 -2.61 24.30
N TRP A 239 22.09 -3.88 24.51
CA TRP A 239 23.48 -4.32 24.50
C TRP A 239 24.18 -4.03 23.20
N ARG A 240 23.45 -3.49 22.24
CA ARG A 240 24.03 -3.05 20.96
C ARG A 240 23.30 -1.83 20.41
N GLY A 241 22.72 -1.03 21.30
CA GLY A 241 22.12 0.25 20.96
C GLY A 241 20.86 0.18 20.12
N ASN A 242 20.16 -0.96 20.21
CA ASN A 242 18.91 -1.19 19.47
C ASN A 242 19.10 -1.06 17.97
N THR A 243 20.30 -1.36 17.48
CA THR A 243 20.66 -1.06 16.10
C THR A 243 21.36 -2.21 15.39
N SER A 244 21.03 -2.38 14.11
CA SER A 244 21.80 -3.22 13.21
C SER A 244 21.58 -2.86 11.76
N TRP A 245 22.36 -3.50 10.89
CA TRP A 245 22.17 -3.43 9.45
C TRP A 245 21.30 -4.55 8.96
N VAL A 246 20.24 -4.17 8.27
CA VAL A 246 19.30 -5.17 7.78
C VAL A 246 19.18 -5.08 6.25
N ALA A 247 18.68 -6.17 5.67
CA ALA A 247 18.34 -6.19 4.25
C ALA A 247 16.93 -6.77 4.07
N PRO A 248 16.18 -6.27 3.08
CA PRO A 248 14.83 -6.81 2.83
C PRO A 248 14.88 -8.05 1.96
N LEU A 249 14.32 -9.16 2.44
CA LEU A 249 14.29 -10.38 1.66
C LEU A 249 13.04 -10.46 0.82
N ALA A 250 11.91 -10.17 1.45
CA ALA A 250 10.63 -10.31 0.78
C ALA A 250 9.52 -9.58 1.50
N TRP A 251 8.50 -9.21 0.74
CA TRP A 251 7.27 -8.69 1.33
C TRP A 251 6.54 -9.84 1.94
N HIS A 252 6.17 -9.67 3.20
CA HIS A 252 5.44 -10.67 3.97
C HIS A 252 4.30 -11.20 3.14
N PRO A 253 4.16 -12.53 3.06
CA PRO A 253 3.16 -13.12 2.16
C PRO A 253 1.71 -12.85 2.54
N GLU A 254 1.45 -12.58 3.82
CA GLU A 254 0.07 -12.42 4.29
C GLU A 254 -0.24 -11.02 4.79
N ASN A 255 0.76 -10.34 5.32
CA ASN A 255 0.59 -8.97 5.79
C ASN A 255 1.27 -8.01 4.84
N ARG A 256 0.50 -7.11 4.25
CA ARG A 256 1.03 -6.23 3.20
C ARG A 256 1.86 -5.04 3.73
N ASN A 257 1.63 -4.68 5.00
CA ASN A 257 2.39 -3.61 5.64
C ASN A 257 3.69 -4.10 6.30
N ALA A 258 4.01 -5.38 6.13
CA ALA A 258 5.23 -5.97 6.71
C ALA A 258 6.25 -6.39 5.64
N VAL A 259 7.50 -6.02 5.90
CA VAL A 259 8.62 -6.51 5.10
C VAL A 259 9.55 -7.42 5.93
N ILE A 260 9.88 -8.59 5.40
CA ILE A 260 10.80 -9.51 6.09
C ILE A 260 12.26 -9.07 5.92
N MET A 261 12.90 -8.71 7.03
CA MET A 261 14.30 -8.32 7.02
C MET A 261 15.23 -9.45 7.46
N VAL A 262 16.49 -9.33 7.08
N VAL A 262 16.53 -9.36 7.13
CA VAL A 262 17.55 -10.12 7.67
CA VAL A 262 17.57 -10.23 7.66
C VAL A 262 18.49 -9.23 8.46
C VAL A 262 18.61 -9.42 8.42
N ASP A 263 18.70 -9.62 9.71
CA ASP A 263 19.68 -9.00 10.59
C ASP A 263 21.05 -9.52 10.21
N LEU A 264 21.79 -8.71 9.45
CA LEU A 264 23.07 -9.11 8.89
C LEU A 264 24.14 -9.31 9.95
N ALA A 265 23.87 -8.80 11.16
CA ALA A 265 24.79 -8.93 12.28
C ALA A 265 24.67 -10.30 12.92
N GLY A 266 23.51 -10.94 12.75
CA GLY A 266 23.28 -12.30 13.26
C GLY A 266 23.95 -13.39 12.43
N ASP A 267 23.71 -14.64 12.81
CA ASP A 267 24.31 -15.80 12.14
C ASP A 267 23.37 -16.39 11.10
N ILE A 268 23.85 -16.46 9.85
CA ILE A 268 23.01 -16.92 8.73
C ILE A 268 23.23 -18.39 8.34
N SER A 269 23.82 -19.18 9.25
CA SER A 269 23.89 -20.63 9.09
C SER A 269 22.51 -21.27 8.91
N PRO A 270 21.56 -21.05 9.85
CA PRO A 270 20.26 -21.71 9.75
C PRO A 270 19.57 -21.52 8.40
N LEU A 271 19.66 -20.31 7.84
CA LEU A 271 18.98 -19.99 6.58
C LEU A 271 19.52 -20.78 5.40
N LEU A 272 20.83 -20.97 5.37
CA LEU A 272 21.48 -21.77 4.35
C LEU A 272 21.26 -23.26 4.61
N GLU A 273 21.46 -23.67 5.87
CA GLU A 273 21.45 -25.08 6.26
C GLU A 273 20.05 -25.68 6.34
N LEU A 274 19.23 -25.17 7.27
CA LEU A 274 17.88 -25.70 7.52
C LEU A 274 16.88 -25.41 6.39
N ASP A 275 15.72 -26.07 6.48
CA ASP A 275 14.60 -25.83 5.56
C ASP A 275 13.38 -25.25 6.29
N SER A 276 12.32 -24.99 5.51
CA SER A 276 11.16 -24.20 5.94
C SER A 276 10.69 -24.37 7.39
N ASP A 277 10.29 -25.59 7.77
CA ASP A 277 9.56 -25.79 9.02
C ASP A 277 10.38 -25.62 10.31
N THR A 278 11.51 -26.32 10.38
CA THR A 278 12.42 -26.25 11.52
C THR A 278 12.77 -24.80 11.87
N LEU A 279 13.07 -24.01 10.84
CA LEU A 279 13.31 -22.58 10.95
C LEU A 279 12.17 -21.82 11.63
N ARG A 280 10.93 -22.12 11.24
CA ARG A 280 9.75 -21.51 11.84
C ARG A 280 9.68 -21.90 13.31
N GLU A 281 9.93 -23.18 13.57
CA GLU A 281 9.97 -23.70 14.92
C GLU A 281 11.05 -22.98 15.73
N ARG A 282 12.26 -22.89 15.18
CA ARG A 282 13.38 -22.24 15.85
C ARG A 282 13.16 -20.74 16.07
N LEU A 283 12.48 -20.08 15.13
CA LEU A 283 12.20 -18.65 15.25
C LEU A 283 11.30 -18.37 16.43
N TYR A 284 10.34 -19.26 16.65
CA TYR A 284 9.41 -19.13 17.76
C TYR A 284 9.83 -19.95 18.98
N THR A 285 11.05 -20.51 18.92
CA THR A 285 11.72 -21.12 20.07
C THR A 285 12.26 -20.02 20.98
N ALA A 286 12.03 -20.18 22.28
CA ALA A 286 12.50 -19.21 23.29
C ALA A 286 14.02 -19.06 23.27
N LYS A 287 14.49 -17.86 23.59
CA LYS A 287 15.91 -17.52 23.56
C LYS A 287 16.77 -18.44 24.45
N THR A 288 16.11 -19.20 25.31
CA THR A 288 16.78 -20.07 26.26
C THR A 288 16.79 -21.57 25.87
N ASP A 289 15.80 -21.98 25.08
CA ASP A 289 15.62 -23.41 24.72
C ASP A 289 16.42 -23.86 23.49
N LEU A 290 17.30 -23.00 23.00
CA LEU A 290 18.13 -23.31 21.83
C LEU A 290 19.31 -24.20 22.17
N GLY A 291 19.78 -24.09 23.42
CA GLY A 291 21.03 -24.73 23.83
C GLY A 291 22.20 -24.04 23.15
N ASP A 292 22.69 -24.67 22.09
CA ASP A 292 23.84 -24.16 21.33
C ASP A 292 23.40 -23.60 19.97
N ASN A 293 22.24 -24.07 19.49
CA ASN A 293 21.68 -23.71 18.20
C ASN A 293 21.67 -22.20 17.98
N ALA A 294 21.95 -21.78 16.75
CA ALA A 294 21.97 -20.35 16.40
C ALA A 294 20.56 -19.79 16.16
N ALA A 295 20.37 -18.52 16.51
CA ALA A 295 19.09 -17.85 16.34
C ALA A 295 18.88 -17.47 14.88
N VAL A 296 17.62 -17.53 14.46
CA VAL A 296 17.22 -17.08 13.12
C VAL A 296 17.26 -15.54 13.11
N PRO A 297 18.11 -14.96 12.25
CA PRO A 297 18.29 -13.50 12.19
C PRO A 297 17.27 -12.85 11.26
N VAL A 298 16.00 -13.13 11.52
CA VAL A 298 14.91 -12.66 10.70
C VAL A 298 13.98 -11.81 11.57
N LYS A 299 13.60 -10.67 11.03
CA LYS A 299 12.74 -9.73 11.75
C LYS A 299 11.75 -9.05 10.80
N LEU A 300 10.50 -8.92 11.25
CA LEU A 300 9.52 -8.16 10.49
C LEU A 300 9.62 -6.66 10.78
N VAL A 301 9.49 -5.86 9.73
CA VAL A 301 9.38 -4.41 9.89
C VAL A 301 8.03 -3.98 9.35
N HIS A 302 7.21 -3.41 10.23
CA HIS A 302 5.89 -2.93 9.87
C HIS A 302 6.00 -1.51 9.49
N ILE A 303 5.78 -1.23 8.22
CA ILE A 303 5.92 0.11 7.66
C ILE A 303 4.81 1.11 8.05
N ASN A 304 3.75 0.61 8.67
CA ASN A 304 2.72 1.50 9.21
C ASN A 304 2.98 1.87 10.67
N LYS A 305 3.99 1.25 11.26
CA LYS A 305 4.27 1.42 12.68
C LYS A 305 5.45 2.36 12.98
N CYS A 306 5.67 3.36 12.13
CA CYS A 306 6.79 4.31 12.29
C CYS A 306 8.10 3.61 12.63
N PRO A 307 8.59 2.73 11.74
CA PRO A 307 9.85 2.10 12.07
C PRO A 307 10.99 3.06 11.74
N VAL A 308 12.13 2.86 12.37
CA VAL A 308 13.29 3.70 12.08
C VAL A 308 14.22 3.04 11.07
N LEU A 309 14.26 3.60 9.86
CA LEU A 309 15.13 3.10 8.78
C LEU A 309 15.87 4.24 8.11
N ALA A 310 17.09 3.97 7.69
CA ALA A 310 17.86 4.90 6.87
C ALA A 310 18.89 4.12 6.04
N GLN A 311 19.50 4.81 5.08
CA GLN A 311 20.59 4.24 4.29
C GLN A 311 21.78 3.87 5.18
N ALA A 312 22.46 2.78 4.83
CA ALA A 312 23.49 2.18 5.67
C ALA A 312 24.49 3.19 6.25
N ASN A 313 25.01 4.07 5.39
CA ASN A 313 25.98 5.09 5.79
C ASN A 313 25.47 6.14 6.78
N THR A 314 24.23 6.00 7.24
CA THR A 314 23.69 6.88 8.27
C THR A 314 24.28 6.49 9.63
N LEU A 315 24.53 5.19 9.82
CA LEU A 315 25.37 4.75 10.91
C LEU A 315 26.82 5.02 10.53
N ARG A 316 27.44 5.92 11.26
CA ARG A 316 28.78 6.41 10.93
C ARG A 316 29.88 5.54 11.54
N PRO A 317 31.01 5.40 10.81
CA PRO A 317 32.10 4.48 11.16
C PRO A 317 32.39 4.35 12.64
N GLU A 318 32.48 5.49 13.34
CA GLU A 318 32.81 5.52 14.78
C GLU A 318 31.65 5.07 15.66
N ASP A 319 30.43 5.43 15.26
CA ASP A 319 29.21 5.04 15.97
C ASP A 319 29.04 3.53 15.98
N ALA A 320 29.22 2.91 14.82
CA ALA A 320 29.26 1.45 14.71
C ALA A 320 30.36 0.81 15.60
N ASP A 321 31.50 1.51 15.73
CA ASP A 321 32.56 1.12 16.65
C ASP A 321 32.10 1.20 18.09
N ARG A 322 31.28 2.20 18.40
CA ARG A 322 30.82 2.44 19.76
C ARG A 322 29.84 1.37 20.26
N LEU A 323 28.95 0.93 19.37
CA LEU A 323 27.91 -0.05 19.72
C LEU A 323 28.40 -1.49 19.58
N GLY A 324 29.54 -1.66 18.92
CA GLY A 324 30.11 -2.98 18.71
C GLY A 324 29.36 -3.72 17.63
N ILE A 325 29.19 -3.07 16.49
CA ILE A 325 28.60 -3.72 15.33
C ILE A 325 29.70 -3.85 14.28
N ASN A 326 29.97 -5.10 13.89
CA ASN A 326 31.02 -5.42 12.93
C ASN A 326 30.47 -5.28 11.54
N ARG A 327 30.99 -4.32 10.79
CA ARG A 327 30.51 -4.04 9.45
C ARG A 327 30.95 -5.08 8.43
N GLN A 328 32.18 -5.55 8.54
CA GLN A 328 32.73 -6.54 7.62
C GLN A 328 31.89 -7.81 7.63
N HIS A 329 31.55 -8.28 8.82
CA HIS A 329 30.73 -9.49 8.99
C HIS A 329 29.33 -9.33 8.44
N CYS A 330 28.80 -8.11 8.49
CA CYS A 330 27.50 -7.78 7.88
C CYS A 330 27.60 -7.86 6.35
N LEU A 331 28.57 -7.14 5.78
CA LEU A 331 28.79 -7.15 4.34
C LEU A 331 29.07 -8.56 3.85
N ASP A 332 29.77 -9.33 4.69
CA ASP A 332 30.02 -10.74 4.43
C ASP A 332 28.70 -11.48 4.20
N ASN A 333 27.80 -11.37 5.18
CA ASN A 333 26.49 -12.02 5.12
C ASN A 333 25.61 -11.62 3.95
N LEU A 334 25.53 -10.31 3.69
CA LEU A 334 24.72 -9.79 2.60
C LEU A 334 25.14 -10.41 1.25
N LYS A 335 26.46 -10.48 1.00
CA LYS A 335 27.01 -10.96 -0.27
C LYS A 335 26.76 -12.45 -0.50
N ILE A 336 26.79 -13.24 0.57
CA ILE A 336 26.40 -14.65 0.50
C ILE A 336 24.91 -14.79 0.18
N LEU A 337 24.07 -13.97 0.83
CA LEU A 337 22.61 -13.99 0.63
C LEU A 337 22.18 -13.61 -0.78
N ARG A 338 22.82 -12.59 -1.34
CA ARG A 338 22.55 -12.16 -2.72
C ARG A 338 22.89 -13.26 -3.72
N GLU A 339 23.77 -14.17 -3.31
CA GLU A 339 24.20 -15.26 -4.15
C GLU A 339 23.44 -16.56 -3.85
N ASN A 340 22.52 -16.51 -2.89
CA ASN A 340 21.81 -17.69 -2.41
C ASN A 340 20.30 -17.45 -2.40
N PRO A 341 19.67 -17.32 -3.59
CA PRO A 341 18.29 -16.84 -3.65
C PRO A 341 17.26 -17.81 -3.08
N GLN A 342 17.63 -19.08 -2.91
CA GLN A 342 16.75 -20.06 -2.29
C GLN A 342 16.39 -19.66 -0.85
N VAL A 343 17.10 -18.67 -0.30
CA VAL A 343 16.84 -18.18 1.05
C VAL A 343 15.57 -17.33 1.11
N ARG A 344 15.32 -16.56 0.05
CA ARG A 344 14.05 -15.84 -0.09
C ARG A 344 12.85 -16.79 0.04
N GLU A 345 12.93 -17.93 -0.65
CA GLU A 345 11.96 -19.02 -0.55
C GLU A 345 11.70 -19.39 0.90
N LYS A 346 12.74 -19.85 1.58
CA LYS A 346 12.62 -20.34 2.94
C LYS A 346 12.00 -19.32 3.89
N VAL A 347 12.51 -18.08 3.91
CA VAL A 347 11.98 -17.06 4.84
C VAL A 347 10.54 -16.66 4.54
N VAL A 348 10.18 -16.60 3.25
CA VAL A 348 8.77 -16.39 2.90
C VAL A 348 7.93 -17.49 3.55
N ALA A 349 8.32 -18.74 3.29
CA ALA A 349 7.62 -19.93 3.76
C ALA A 349 7.37 -19.95 5.27
N ILE A 350 8.34 -19.47 6.04
CA ILE A 350 8.21 -19.36 7.50
C ILE A 350 6.93 -18.60 7.90
N PHE A 351 6.54 -17.60 7.12
CA PHE A 351 5.41 -16.74 7.49
C PHE A 351 4.14 -17.07 6.74
N ALA A 352 4.21 -18.04 5.84
CA ALA A 352 3.09 -18.39 4.97
C ALA A 352 2.18 -19.48 5.55
N GLU A 353 2.16 -19.57 6.88
CA GLU A 353 1.27 -20.51 7.58
C GLU A 353 0.83 -20.00 8.94
N PRO A 356 -2.80 -20.79 9.40
CA PRO A 356 -4.01 -20.04 9.75
C PRO A 356 -4.03 -19.61 11.23
N PHE A 357 -5.13 -19.01 11.67
CA PHE A 357 -5.26 -18.44 13.03
C PHE A 357 -6.73 -18.42 13.48
N THR A 358 -6.96 -18.52 14.79
CA THR A 358 -8.32 -18.48 15.34
C THR A 358 -8.47 -17.39 16.39
N PRO A 359 -9.52 -16.54 16.25
CA PRO A 359 -9.79 -15.49 17.24
C PRO A 359 -10.58 -16.04 18.42
N SER A 360 -10.79 -15.19 19.43
CA SER A 360 -11.67 -15.55 20.54
C SER A 360 -13.12 -15.32 20.15
N ASP A 361 -14.04 -15.98 20.85
CA ASP A 361 -15.47 -15.74 20.67
C ASP A 361 -15.96 -14.55 21.50
N ASN A 362 -15.02 -13.85 22.12
CA ASN A 362 -15.26 -12.57 22.80
C ASN A 362 -15.14 -11.39 21.83
N VAL A 363 -16.23 -10.65 21.66
CA VAL A 363 -16.28 -9.60 20.63
C VAL A 363 -15.34 -8.44 20.91
N ASP A 364 -14.98 -8.26 22.18
CA ASP A 364 -14.00 -7.26 22.60
C ASP A 364 -12.67 -7.48 21.92
N ALA A 365 -12.37 -8.74 21.62
CA ALA A 365 -11.07 -9.12 21.12
C ALA A 365 -11.11 -9.37 19.62
N GLN A 366 -12.07 -8.74 18.94
CA GLN A 366 -12.31 -9.08 17.54
C GLN A 366 -12.13 -7.98 16.50
N LEU A 367 -11.51 -6.87 16.90
CA LEU A 367 -11.28 -5.73 16.00
C LEU A 367 -10.61 -6.12 14.69
N TYR A 368 -9.64 -7.03 14.76
CA TYR A 368 -8.84 -7.39 13.60
C TYR A 368 -9.44 -8.52 12.77
N ASN A 369 -10.70 -8.87 13.06
CA ASN A 369 -11.48 -9.73 12.17
C ASN A 369 -11.62 -9.12 10.77
N GLY A 370 -11.71 -7.80 10.69
CA GLY A 370 -11.72 -7.13 9.39
C GLY A 370 -12.37 -5.78 9.46
N PHE A 371 -12.14 -4.97 8.41
CA PHE A 371 -12.79 -3.66 8.30
C PHE A 371 -14.31 -3.82 8.23
N PHE A 372 -15.02 -2.79 8.67
CA PHE A 372 -16.47 -2.72 8.50
C PHE A 372 -16.78 -2.05 7.18
N SER A 373 -17.89 -2.45 6.55
CA SER A 373 -18.29 -1.92 5.24
C SER A 373 -18.87 -0.50 5.32
N ASP A 374 -19.07 0.12 4.16
CA ASP A 374 -19.74 1.42 4.06
C ASP A 374 -21.14 1.36 4.67
N ALA A 375 -21.90 0.32 4.29
CA ALA A 375 -23.27 0.13 4.76
C ALA A 375 -23.36 0.06 6.29
N ASP A 376 -22.38 -0.59 6.91
CA ASP A 376 -22.31 -0.71 8.37
C ASP A 376 -21.90 0.59 9.03
N ARG A 377 -21.00 1.32 8.42
CA ARG A 377 -20.68 2.55 9.02
C ARG A 377 -21.96 3.35 9.12
N ALA A 378 -22.64 3.55 8.01
CA ALA A 378 -23.94 4.22 8.03
C ALA A 378 -24.73 3.76 9.25
N ALA A 379 -24.96 2.44 9.34
CA ALA A 379 -25.65 1.83 10.47
C ALA A 379 -25.10 2.30 11.82
N MET A 380 -23.78 2.22 11.99
CA MET A 380 -23.13 2.60 13.25
C MET A 380 -23.20 4.09 13.50
N LYS A 381 -23.14 4.88 12.44
CA LYS A 381 -23.30 6.32 12.52
C LYS A 381 -24.66 6.65 13.12
N ILE A 382 -25.69 5.93 12.68
CA ILE A 382 -27.06 6.09 13.18
C ILE A 382 -27.19 5.66 14.64
N VAL A 383 -26.42 4.66 15.04
CA VAL A 383 -26.41 4.23 16.45
C VAL A 383 -25.97 5.36 17.37
N LEU A 384 -24.87 6.02 17.04
N LEU A 384 -24.87 6.14 17.04
CA LEU A 384 -24.36 7.16 17.80
CA LEU A 384 -24.38 7.24 17.86
C LEU A 384 -25.34 8.31 17.87
C LEU A 384 -25.37 8.40 17.92
N GLU A 385 -26.14 8.48 16.82
CA GLU A 385 -27.08 9.59 16.71
C GLU A 385 -28.43 9.33 17.38
N THR A 386 -28.59 8.14 17.94
CA THR A 386 -29.83 7.74 18.60
C THR A 386 -29.69 7.86 20.12
N GLU A 387 -30.72 8.35 20.78
CA GLU A 387 -30.76 8.42 22.23
C GLU A 387 -30.78 7.04 22.81
N PRO A 388 -29.86 6.76 23.70
CA PRO A 388 -29.71 5.42 24.23
C PRO A 388 -31.04 4.78 24.64
N ARG A 389 -31.98 5.59 25.10
CA ARG A 389 -33.30 5.08 25.49
C ARG A 389 -34.13 4.60 24.29
N ASN A 390 -33.84 5.12 23.09
CA ASN A 390 -34.50 4.69 21.86
C ASN A 390 -33.77 3.60 21.06
N LEU A 391 -32.61 3.18 21.55
CA LEU A 391 -31.84 2.12 20.90
C LEU A 391 -32.61 0.80 20.74
N PRO A 392 -33.28 0.31 21.82
CA PRO A 392 -34.03 -0.93 21.67
C PRO A 392 -35.07 -0.87 20.55
N ALA A 393 -35.72 0.27 20.39
CA ALA A 393 -36.76 0.44 19.38
C ALA A 393 -36.19 0.57 17.97
N LEU A 394 -34.89 0.77 17.86
CA LEU A 394 -34.26 1.01 16.56
C LEU A 394 -34.34 -0.23 15.67
N ASP A 395 -34.96 -0.07 14.51
CA ASP A 395 -35.14 -1.18 13.60
C ASP A 395 -34.13 -1.13 12.46
N ILE A 396 -32.95 -1.69 12.71
CA ILE A 396 -31.96 -1.86 11.66
C ILE A 396 -31.30 -3.24 11.69
N THR A 397 -30.81 -3.66 10.54
CA THR A 397 -30.13 -4.93 10.42
C THR A 397 -28.67 -4.68 10.06
N PHE A 398 -27.79 -5.48 10.66
CA PHE A 398 -26.34 -5.36 10.45
C PHE A 398 -25.81 -6.57 9.70
N VAL A 399 -24.91 -6.34 8.75
CA VAL A 399 -24.28 -7.46 8.06
C VAL A 399 -23.25 -8.15 8.96
N ASP A 400 -22.31 -7.39 9.52
CA ASP A 400 -21.25 -7.95 10.37
C ASP A 400 -21.81 -8.58 11.65
N LYS A 401 -21.48 -9.85 11.86
CA LYS A 401 -21.87 -10.59 13.05
C LYS A 401 -21.45 -9.89 14.35
N ARG A 402 -20.33 -9.16 14.30
CA ARG A 402 -19.79 -8.46 15.46
C ARG A 402 -20.72 -7.37 16.03
N ILE A 403 -21.28 -6.54 15.15
CA ILE A 403 -22.02 -5.36 15.56
C ILE A 403 -23.15 -5.62 16.57
N GLU A 404 -23.95 -6.67 16.33
CA GLU A 404 -25.01 -7.02 17.26
C GLU A 404 -24.45 -7.19 18.66
N LYS A 405 -23.37 -7.97 18.77
CA LYS A 405 -22.73 -8.26 20.03
C LYS A 405 -22.12 -7.03 20.70
N LEU A 406 -21.45 -6.17 19.93
CA LEU A 406 -20.88 -4.92 20.47
C LEU A 406 -21.95 -4.00 21.04
N LEU A 407 -23.09 -3.93 20.33
CA LEU A 407 -24.19 -3.04 20.67
C LEU A 407 -24.82 -3.39 22.01
N PHE A 408 -24.98 -4.68 22.27
CA PHE A 408 -25.48 -5.12 23.56
C PHE A 408 -24.52 -4.66 24.66
N ASN A 409 -23.24 -5.01 24.53
CA ASN A 409 -22.21 -4.59 25.49
C ASN A 409 -22.12 -3.07 25.70
N TYR A 410 -22.17 -2.32 24.60
CA TYR A 410 -22.18 -0.86 24.67
C TYR A 410 -23.26 -0.42 25.62
N ARG A 411 -24.47 -0.90 25.36
CA ARG A 411 -25.65 -0.53 26.11
C ARG A 411 -25.57 -0.95 27.57
N ALA A 412 -25.25 -2.22 27.80
CA ALA A 412 -25.20 -2.75 29.16
C ALA A 412 -24.13 -2.06 30.01
N ARG A 413 -22.99 -1.77 29.40
CA ARG A 413 -21.87 -1.18 30.12
C ARG A 413 -22.06 0.32 30.40
N ASN A 414 -22.63 1.04 29.43
CA ASN A 414 -22.75 2.49 29.52
C ASN A 414 -24.11 2.96 29.95
N PHE A 415 -25.14 2.21 29.59
CA PHE A 415 -26.52 2.62 29.87
C PHE A 415 -27.30 1.47 30.49
N PRO A 416 -26.97 1.08 31.73
CA PRO A 416 -27.61 -0.09 32.36
C PRO A 416 -29.13 0.06 32.48
N GLY A 417 -29.59 1.25 32.85
CA GLY A 417 -31.02 1.54 33.01
C GLY A 417 -31.89 1.43 31.77
N THR A 418 -31.28 1.40 30.58
CA THR A 418 -32.06 1.25 29.34
C THR A 418 -32.29 -0.23 28.98
N LEU A 419 -31.78 -1.13 29.81
CA LEU A 419 -31.99 -2.55 29.59
C LEU A 419 -33.34 -2.93 30.14
N ASP A 420 -34.09 -3.73 29.38
CA ASP A 420 -35.33 -4.33 29.91
C ASP A 420 -35.00 -5.58 30.73
N TYR A 421 -36.02 -6.20 31.33
CA TYR A 421 -35.83 -7.35 32.23
C TYR A 421 -34.97 -8.50 31.69
N ALA A 422 -35.29 -9.01 30.50
CA ALA A 422 -34.57 -10.16 29.95
C ALA A 422 -33.11 -9.84 29.62
N GLU A 423 -32.88 -8.64 29.09
CA GLU A 423 -31.52 -8.16 28.83
C GLU A 423 -30.75 -8.01 30.13
N GLN A 424 -31.45 -7.57 31.18
CA GLN A 424 -30.85 -7.46 32.50
C GLN A 424 -30.43 -8.82 32.98
N GLN A 425 -31.26 -9.82 32.71
CA GLN A 425 -30.97 -11.19 33.11
C GLN A 425 -29.79 -11.74 32.31
N ARG A 426 -29.73 -11.40 31.03
CA ARG A 426 -28.59 -11.78 30.19
C ARG A 426 -27.29 -11.20 30.71
N TRP A 427 -27.30 -9.90 30.99
CA TRP A 427 -26.12 -9.22 31.48
C TRP A 427 -25.62 -9.81 32.75
N LEU A 428 -26.54 -10.04 33.69
CA LEU A 428 -26.22 -10.63 34.97
C LEU A 428 -25.59 -12.02 34.81
N GLU A 429 -25.96 -12.72 33.75
CA GLU A 429 -25.35 -14.00 33.45
C GLU A 429 -23.90 -13.82 32.96
N HIS A 430 -23.69 -12.81 32.11
CA HIS A 430 -22.35 -12.39 31.69
C HIS A 430 -21.47 -12.11 32.88
N ARG A 431 -21.91 -11.20 33.74
CA ARG A 431 -21.16 -10.88 34.95
C ARG A 431 -20.82 -12.13 35.77
N ARG A 432 -21.73 -13.08 35.83
CA ARG A 432 -21.54 -14.28 36.63
C ARG A 432 -20.59 -15.23 35.94
N GLN A 433 -20.43 -15.07 34.64
CA GLN A 433 -19.49 -15.87 33.85
C GLN A 433 -18.08 -15.31 33.85
N VAL A 434 -17.95 -14.00 34.05
CA VAL A 434 -16.65 -13.36 34.25
C VAL A 434 -16.15 -13.67 35.66
N PHE A 435 -16.99 -13.39 36.66
CA PHE A 435 -16.62 -13.54 38.07
C PHE A 435 -16.90 -14.93 38.65
N THR A 436 -16.38 -15.95 37.98
CA THR A 436 -16.36 -17.32 38.49
C THR A 436 -15.53 -17.42 39.79
N PRO A 437 -15.84 -18.43 40.63
CA PRO A 437 -15.05 -18.76 41.82
C PRO A 437 -13.55 -18.95 41.54
N GLU A 438 -13.22 -19.61 40.45
CA GLU A 438 -11.82 -19.90 40.07
C GLU A 438 -11.06 -18.60 39.79
N PHE A 439 -11.76 -17.68 39.11
CA PHE A 439 -11.22 -16.36 38.80
C PHE A 439 -11.03 -15.50 40.06
N LEU A 440 -12.04 -15.39 40.90
CA LEU A 440 -11.87 -14.58 42.07
C LEU A 440 -10.79 -15.11 42.97
N GLN A 441 -10.67 -16.42 43.08
CA GLN A 441 -9.59 -16.97 43.87
C GLN A 441 -8.25 -16.58 43.31
N GLY A 442 -8.08 -16.73 42.00
CA GLY A 442 -6.90 -16.25 41.30
C GLY A 442 -6.62 -14.78 41.56
N TYR A 443 -7.68 -13.98 41.56
CA TYR A 443 -7.57 -12.55 41.82
C TYR A 443 -7.16 -12.29 43.26
N ALA A 444 -7.94 -12.81 44.20
CA ALA A 444 -7.63 -12.67 45.62
C ALA A 444 -6.23 -13.19 45.95
N ASP A 445 -5.87 -14.36 45.41
CA ASP A 445 -4.55 -14.93 45.65
C ASP A 445 -3.45 -13.94 45.30
N GLU A 446 -3.63 -13.25 44.17
CA GLU A 446 -2.66 -12.27 43.69
C GLU A 446 -2.53 -11.06 44.62
N LEU A 447 -3.66 -10.51 45.07
CA LEU A 447 -3.63 -9.40 46.02
C LEU A 447 -2.84 -9.81 47.26
N GLN A 448 -3.23 -10.92 47.85
CA GLN A 448 -2.53 -11.52 48.96
C GLN A 448 -1.05 -11.59 48.75
N MET A 449 -0.62 -12.20 47.67
CA MET A 449 0.81 -12.27 47.37
C MET A 449 1.50 -10.91 47.44
N LEU A 450 0.87 -9.91 46.82
CA LEU A 450 1.40 -8.55 46.77
C LEU A 450 1.42 -7.86 48.13
N VAL A 451 0.41 -8.14 48.96
CA VAL A 451 0.31 -7.57 50.31
C VAL A 451 1.50 -7.98 51.17
N GLN A 452 2.01 -9.20 50.98
CA GLN A 452 3.16 -9.67 51.73
C GLN A 452 4.42 -9.08 51.16
N GLN A 453 4.50 -9.09 49.83
CA GLN A 453 5.64 -8.60 49.08
C GLN A 453 5.90 -7.10 49.31
N TYR A 454 4.90 -6.40 49.85
CA TYR A 454 5.02 -4.97 50.14
C TYR A 454 4.58 -4.59 51.56
N ALA A 455 4.82 -5.49 52.52
CA ALA A 455 4.39 -5.30 53.91
C ALA A 455 4.86 -3.99 54.52
N ASP A 456 5.95 -3.48 53.99
CA ASP A 456 6.59 -2.30 54.48
C ASP A 456 6.43 -1.19 53.50
N ASP A 457 5.19 -0.87 53.18
CA ASP A 457 4.88 0.19 52.22
C ASP A 457 3.41 0.59 52.38
N LYS A 458 3.17 1.66 53.11
CA LYS A 458 1.81 2.11 53.41
C LYS A 458 1.06 2.56 52.15
N GLU A 459 1.79 3.18 51.22
CA GLU A 459 1.23 3.71 49.98
C GLU A 459 0.63 2.62 49.09
N LYS A 460 1.37 1.52 48.93
CA LYS A 460 0.95 0.41 48.08
C LYS A 460 -0.05 -0.56 48.73
N VAL A 461 0.01 -0.70 50.05
CA VAL A 461 -0.94 -1.57 50.77
C VAL A 461 -2.34 -0.93 50.80
N ALA A 462 -2.39 0.39 50.90
CA ALA A 462 -3.65 1.11 50.87
C ALA A 462 -4.35 0.86 49.53
N LEU A 463 -3.57 0.84 48.45
CA LEU A 463 -4.08 0.51 47.11
C LEU A 463 -4.61 -0.92 47.02
N LEU A 464 -3.85 -1.86 47.58
CA LEU A 464 -4.23 -3.27 47.60
C LEU A 464 -5.48 -3.50 48.44
N LYS A 465 -5.59 -2.77 49.54
CA LYS A 465 -6.81 -2.71 50.34
C LYS A 465 -7.97 -2.16 49.50
N ALA A 466 -7.73 -1.05 48.81
CA ALA A 466 -8.76 -0.41 47.99
C ALA A 466 -9.27 -1.38 46.92
N LEU A 467 -8.35 -2.04 46.23
CA LEU A 467 -8.68 -3.01 45.18
C LEU A 467 -9.49 -4.18 45.72
N TRP A 468 -9.16 -4.59 46.95
CA TRP A 468 -9.86 -5.68 47.59
C TRP A 468 -11.28 -5.29 47.90
N GLN A 469 -11.47 -4.07 48.39
CA GLN A 469 -12.80 -3.53 48.65
C GLN A 469 -13.64 -3.40 47.39
N TYR A 470 -13.09 -2.77 46.35
CA TYR A 470 -13.79 -2.59 45.08
C TYR A 470 -14.24 -3.93 44.49
N ALA A 471 -13.37 -4.93 44.56
CA ALA A 471 -13.70 -6.28 44.09
C ALA A 471 -14.88 -6.83 44.86
N ASP A 472 -14.81 -6.67 46.17
CA ASP A 472 -15.82 -7.15 47.09
C ASP A 472 -17.21 -6.55 46.87
N GLU A 473 -17.27 -5.24 46.65
CA GLU A 473 -18.56 -4.59 46.45
C GLU A 473 -19.12 -4.84 45.05
N ILE A 474 -18.23 -4.91 44.05
CA ILE A 474 -18.67 -5.01 42.66
C ILE A 474 -19.21 -6.40 42.30
N VAL A 475 -18.89 -7.42 43.10
CA VAL A 475 -19.44 -8.76 42.88
C VAL A 475 -20.54 -9.14 43.90
N HIS A 476 -20.82 -8.26 44.86
CA HIS A 476 -21.86 -8.48 45.86
C HIS A 476 -22.89 -7.37 45.93
N GLN B 8 -15.01 19.49 -7.74
CA GLN B 8 -15.97 18.75 -8.64
C GLN B 8 -15.22 17.78 -9.56
N SER B 9 -15.61 16.50 -9.48
CA SER B 9 -14.95 15.42 -10.23
C SER B 9 -15.24 15.47 -11.74
N THR B 10 -14.18 15.41 -12.54
CA THR B 10 -14.32 15.35 -13.99
C THR B 10 -13.59 14.14 -14.59
N PHE B 11 -14.05 13.72 -15.76
CA PHE B 11 -13.42 12.67 -16.53
C PHE B 11 -12.65 13.30 -17.67
N LEU B 12 -11.50 12.73 -18.00
CA LEU B 12 -10.80 13.14 -19.20
C LEU B 12 -10.63 11.91 -20.08
N PHE B 13 -11.42 11.82 -21.14
CA PHE B 13 -11.29 10.75 -22.10
C PHE B 13 -10.15 11.11 -23.04
N HIS B 14 -9.16 10.22 -23.15
CA HIS B 14 -8.04 10.44 -24.06
C HIS B 14 -7.73 9.24 -24.86
N ASP B 15 -6.89 9.42 -25.86
CA ASP B 15 -6.43 8.33 -26.71
C ASP B 15 -5.18 8.76 -27.47
N TYR B 16 -4.27 7.81 -27.67
CA TYR B 16 -3.10 8.03 -28.52
C TYR B 16 -3.22 7.25 -29.82
N GLU B 17 -2.53 7.73 -30.86
CA GLU B 17 -2.18 6.93 -32.03
C GLU B 17 -0.67 7.03 -32.15
N THR B 18 0.00 5.87 -32.15
CA THR B 18 1.45 5.84 -32.09
C THR B 18 2.10 5.32 -33.38
N PHE B 19 3.42 5.37 -33.45
CA PHE B 19 4.14 4.77 -34.56
C PHE B 19 4.66 3.36 -34.23
N GLY B 20 4.16 2.79 -33.13
CA GLY B 20 4.51 1.42 -32.75
C GLY B 20 3.96 0.97 -31.40
N THR B 21 4.16 -0.31 -31.10
CA THR B 21 3.56 -0.93 -29.92
C THR B 21 4.38 -0.81 -28.63
N HIS B 22 5.67 -0.56 -28.75
CA HIS B 22 6.53 -0.43 -27.58
C HIS B 22 6.61 0.99 -27.10
N PRO B 23 6.01 1.29 -25.93
CA PRO B 23 5.90 2.68 -25.43
C PRO B 23 7.24 3.39 -25.16
N ALA B 24 8.27 2.65 -24.74
CA ALA B 24 9.58 3.23 -24.50
C ALA B 24 10.37 3.53 -25.79
N LEU B 25 10.33 2.62 -26.75
CA LEU B 25 11.17 2.73 -27.95
C LEU B 25 10.45 3.26 -29.18
N ASP B 26 9.15 3.03 -29.27
CA ASP B 26 8.33 3.65 -30.31
C ASP B 26 7.89 5.04 -29.88
N ARG B 27 7.28 5.77 -30.80
CA ARG B 27 6.94 7.18 -30.58
C ARG B 27 5.46 7.44 -30.84
N PRO B 28 4.90 8.48 -30.17
CA PRO B 28 3.50 8.79 -30.41
C PRO B 28 3.35 9.65 -31.64
N ALA B 29 2.20 9.50 -32.30
CA ALA B 29 1.93 10.23 -33.53
C ALA B 29 0.84 11.28 -33.30
N GLN B 30 -0.19 10.88 -32.55
CA GLN B 30 -1.36 11.70 -32.35
C GLN B 30 -2.00 11.50 -30.98
N PHE B 31 -2.53 12.59 -30.43
CA PHE B 31 -3.23 12.56 -29.16
C PHE B 31 -4.54 13.33 -29.27
N ALA B 32 -5.58 12.81 -28.61
CA ALA B 32 -6.88 13.47 -28.54
C ALA B 32 -7.49 13.29 -27.15
N ALA B 33 -8.17 14.32 -26.67
CA ALA B 33 -8.83 14.29 -25.37
C ALA B 33 -10.15 15.04 -25.39
N ILE B 34 -11.10 14.58 -24.60
CA ILE B 34 -12.29 15.36 -24.31
C ILE B 34 -12.59 15.31 -22.83
N ARG B 35 -12.74 16.48 -22.22
CA ARG B 35 -13.16 16.54 -20.83
C ARG B 35 -14.68 16.53 -20.70
N THR B 36 -15.18 15.88 -19.66
CA THR B 36 -16.62 15.84 -19.38
C THR B 36 -16.88 15.91 -17.88
N ASP B 37 -18.13 16.18 -17.51
CA ASP B 37 -18.56 16.09 -16.11
C ASP B 37 -18.85 14.63 -15.74
N SER B 38 -19.37 14.41 -14.54
CA SER B 38 -19.76 13.09 -14.07
C SER B 38 -20.79 12.41 -14.99
N GLU B 39 -21.55 13.22 -15.72
CA GLU B 39 -22.66 12.71 -16.54
C GLU B 39 -22.36 12.78 -18.04
N PHE B 40 -21.07 12.76 -18.36
CA PHE B 40 -20.55 12.68 -19.73
C PHE B 40 -21.01 13.78 -20.70
N ASN B 41 -21.28 14.95 -20.13
CA ASN B 41 -21.47 16.18 -20.90
C ASN B 41 -20.13 16.87 -21.08
N VAL B 42 -19.78 17.14 -22.34
CA VAL B 42 -18.53 17.78 -22.70
C VAL B 42 -18.33 19.12 -21.99
N ILE B 43 -17.08 19.36 -21.58
CA ILE B 43 -16.63 20.64 -21.02
C ILE B 43 -15.57 21.20 -21.96
N GLY B 44 -15.83 22.39 -22.50
CA GLY B 44 -14.87 23.03 -23.40
C GLY B 44 -14.85 22.39 -24.78
N GLU B 45 -13.80 22.68 -25.53
CA GLU B 45 -13.62 22.09 -26.86
C GLU B 45 -12.80 20.80 -26.79
N PRO B 46 -13.05 19.88 -27.73
CA PRO B 46 -12.20 18.71 -27.79
C PRO B 46 -10.85 19.11 -28.36
N GLU B 47 -9.79 18.43 -27.93
CA GLU B 47 -8.44 18.78 -28.37
C GLU B 47 -7.75 17.63 -29.07
N VAL B 48 -7.09 17.97 -30.17
CA VAL B 48 -6.35 17.00 -30.96
C VAL B 48 -5.04 17.63 -31.43
N PHE B 49 -3.95 16.89 -31.31
CA PHE B 49 -2.66 17.37 -31.82
C PHE B 49 -1.70 16.24 -32.11
N TYR B 50 -0.73 16.54 -32.98
CA TYR B 50 0.28 15.57 -33.42
C TYR B 50 1.64 15.85 -32.82
N CYS B 51 2.54 14.87 -32.93
CA CYS B 51 3.90 15.00 -32.44
C CYS B 51 4.91 14.88 -33.60
N LYS B 52 5.84 15.82 -33.70
CA LYS B 52 6.92 15.70 -34.70
C LYS B 52 7.92 14.62 -34.27
N PRO B 53 8.14 13.60 -35.12
CA PRO B 53 9.08 12.55 -34.78
C PRO B 53 10.52 13.02 -34.93
N ALA B 54 11.38 12.61 -34.01
CA ALA B 54 12.82 12.91 -34.09
C ALA B 54 13.51 12.21 -35.26
N ASP B 55 14.65 12.76 -35.67
CA ASP B 55 15.40 12.27 -36.82
C ASP B 55 16.25 11.01 -36.50
N ASP B 56 15.87 10.27 -35.45
CA ASP B 56 16.59 9.04 -35.12
C ASP B 56 15.60 7.88 -34.97
N TYR B 57 14.41 8.07 -35.52
CA TYR B 57 13.32 7.12 -35.37
C TYR B 57 12.69 6.82 -36.72
N LEU B 58 12.47 5.53 -36.97
CA LEU B 58 11.65 5.10 -38.08
C LEU B 58 10.45 4.32 -37.54
N PRO B 59 9.24 4.74 -37.93
CA PRO B 59 7.97 4.13 -37.46
C PRO B 59 7.79 2.71 -37.93
N GLN B 60 7.15 1.87 -37.11
CA GLN B 60 6.82 0.49 -37.50
C GLN B 60 5.72 0.52 -38.55
N PRO B 61 5.95 -0.15 -39.70
CA PRO B 61 5.00 -0.20 -40.81
C PRO B 61 3.62 -0.70 -40.42
N GLY B 62 3.56 -1.72 -39.57
CA GLY B 62 2.31 -2.24 -39.08
C GLY B 62 1.45 -1.19 -38.39
N ALA B 63 2.10 -0.30 -37.63
CA ALA B 63 1.38 0.79 -36.96
C ALA B 63 0.73 1.72 -37.98
N VAL B 64 1.50 2.10 -39.00
CA VAL B 64 1.06 3.05 -40.01
C VAL B 64 -0.07 2.46 -40.83
N LEU B 65 0.04 1.18 -41.17
CA LEU B 65 -1.02 0.49 -41.88
C LEU B 65 -2.33 0.56 -41.13
N ILE B 66 -2.25 0.37 -39.81
CA ILE B 66 -3.42 0.44 -38.95
C ILE B 66 -4.02 1.83 -38.84
N THR B 67 -3.20 2.86 -38.77
CA THR B 67 -3.69 4.21 -38.46
C THR B 67 -3.88 5.12 -39.66
N GLY B 68 -3.07 4.91 -40.69
CA GLY B 68 -3.08 5.79 -41.85
C GLY B 68 -2.28 7.07 -41.65
N ILE B 69 -1.60 7.20 -40.50
CA ILE B 69 -0.86 8.42 -40.22
C ILE B 69 0.62 8.27 -40.58
N THR B 70 1.04 8.95 -41.63
CA THR B 70 2.39 8.84 -42.10
C THR B 70 3.27 9.79 -41.31
N PRO B 71 4.58 9.46 -41.18
CA PRO B 71 5.53 10.39 -40.57
C PRO B 71 5.52 11.78 -41.21
N GLN B 72 5.20 11.85 -42.51
CA GLN B 72 5.03 13.14 -43.20
C GLN B 72 3.86 13.95 -42.63
N GLU B 73 2.74 13.28 -42.35
CA GLU B 73 1.57 13.92 -41.78
C GLU B 73 1.88 14.51 -40.39
N ALA B 74 2.54 13.72 -39.55
CA ALA B 74 2.90 14.16 -38.20
C ALA B 74 3.85 15.36 -38.22
N ARG B 75 4.87 15.29 -39.08
CA ARG B 75 5.84 16.36 -39.24
C ARG B 75 5.16 17.65 -39.67
N ALA B 76 4.28 17.54 -40.67
CA ALA B 76 3.55 18.67 -41.23
C ALA B 76 2.63 19.36 -40.22
N LYS B 77 1.95 18.58 -39.38
CA LYS B 77 0.93 19.08 -38.46
C LYS B 77 1.35 19.13 -36.99
N GLY B 78 2.57 18.70 -36.68
CA GLY B 78 2.93 18.48 -35.28
C GLY B 78 3.90 19.45 -34.61
N GLU B 79 3.84 19.46 -33.28
CA GLU B 79 4.82 20.14 -32.44
C GLU B 79 5.84 19.09 -31.95
N ASN B 80 7.02 19.54 -31.51
CA ASN B 80 8.06 18.63 -31.05
C ASN B 80 7.69 17.98 -29.71
N GLU B 81 8.30 16.81 -29.42
CA GLU B 81 7.86 15.94 -28.32
C GLU B 81 7.79 16.64 -26.97
N ALA B 82 8.67 17.62 -26.78
CA ALA B 82 8.66 18.45 -25.58
C ALA B 82 7.37 19.28 -25.48
N ALA B 83 7.02 19.98 -26.56
CA ALA B 83 5.76 20.76 -26.62
C ALA B 83 4.54 19.86 -26.49
N PHE B 84 4.59 18.72 -27.16
CA PHE B 84 3.60 17.66 -27.06
C PHE B 84 3.36 17.28 -25.59
N ALA B 85 4.46 17.01 -24.87
CA ALA B 85 4.41 16.58 -23.46
C ALA B 85 3.78 17.62 -22.54
N ALA B 86 4.21 18.87 -22.71
CA ALA B 86 3.64 19.99 -21.99
C ALA B 86 2.11 20.15 -22.15
N ARG B 87 1.61 19.96 -23.37
CA ARG B 87 0.17 20.05 -23.63
C ARG B 87 -0.56 18.98 -22.84
N ILE B 88 -0.08 17.74 -22.98
CA ILE B 88 -0.73 16.61 -22.31
C ILE B 88 -0.62 16.79 -20.80
N HIS B 89 0.57 17.15 -20.34
CA HIS B 89 0.81 17.33 -18.91
C HIS B 89 -0.16 18.28 -18.30
N SER B 90 -0.36 19.45 -18.89
CA SER B 90 -1.30 20.40 -18.32
C SER B 90 -2.76 19.91 -18.33
N LEU B 91 -3.17 19.15 -19.34
CA LEU B 91 -4.51 18.54 -19.36
C LEU B 91 -4.65 17.50 -18.25
N PHE B 92 -3.58 16.75 -18.04
CA PHE B 92 -3.59 15.62 -17.12
C PHE B 92 -3.48 16.11 -15.67
N THR B 93 -3.09 17.36 -15.48
CA THR B 93 -2.84 17.87 -14.13
C THR B 93 -3.92 18.80 -13.60
N VAL B 94 -4.95 19.05 -14.41
CA VAL B 94 -6.14 19.75 -13.93
C VAL B 94 -6.66 18.96 -12.72
N PRO B 95 -6.81 19.61 -11.55
CA PRO B 95 -7.12 18.86 -10.31
C PRO B 95 -8.44 18.08 -10.34
N LYS B 96 -8.51 17.04 -9.54
CA LYS B 96 -9.66 16.14 -9.43
C LYS B 96 -10.16 15.54 -10.76
N THR B 97 -9.21 15.18 -11.64
CA THR B 97 -9.52 14.55 -12.92
C THR B 97 -9.41 13.04 -12.81
N CYS B 98 -10.40 12.33 -13.33
CA CYS B 98 -10.25 10.90 -13.61
C CYS B 98 -9.87 10.67 -15.08
N ILE B 99 -8.63 10.25 -15.29
CA ILE B 99 -8.12 10.06 -16.65
C ILE B 99 -8.39 8.64 -17.12
N LEU B 100 -9.37 8.49 -18.02
CA LEU B 100 -9.72 7.19 -18.56
C LEU B 100 -9.60 7.13 -20.08
N GLY B 101 -9.57 5.91 -20.59
CA GLY B 101 -9.51 5.65 -22.01
C GLY B 101 -9.97 4.24 -22.25
N TYR B 102 -9.55 3.65 -23.36
CA TYR B 102 -9.95 2.30 -23.70
C TYR B 102 -8.74 1.38 -23.91
N ASN B 103 -8.48 0.52 -22.94
CA ASN B 103 -7.24 -0.25 -22.90
C ASN B 103 -6.07 0.70 -22.63
N ASN B 104 -6.36 1.80 -21.96
CA ASN B 104 -5.34 2.81 -21.68
C ASN B 104 -4.36 2.41 -20.59
N VAL B 105 -4.79 1.52 -19.68
CA VAL B 105 -3.93 1.08 -18.56
C VAL B 105 -2.76 0.21 -19.00
N ARG B 106 -3.01 -0.70 -19.93
CA ARG B 106 -1.95 -1.55 -20.48
C ARG B 106 -1.25 -0.91 -21.68
N PHE B 107 -1.70 0.27 -22.08
CA PHE B 107 -1.10 0.92 -23.25
C PHE B 107 -0.89 2.42 -23.14
N ASP B 108 -1.94 3.23 -23.36
CA ASP B 108 -1.81 4.68 -23.40
C ASP B 108 -1.11 5.26 -22.17
N ASP B 109 -1.37 4.68 -21.00
CA ASP B 109 -0.75 5.15 -19.78
C ASP B 109 0.77 4.91 -19.77
N GLU B 110 1.19 3.75 -20.26
CA GLU B 110 2.62 3.47 -20.52
C GLU B 110 3.23 4.48 -21.50
N VAL B 111 2.41 4.95 -22.44
CA VAL B 111 2.86 5.95 -23.38
C VAL B 111 3.04 7.28 -22.64
N THR B 112 2.09 7.61 -21.77
CA THR B 112 2.11 8.88 -21.04
C THR B 112 3.33 8.91 -20.12
N ARG B 113 3.57 7.80 -19.42
CA ARG B 113 4.68 7.72 -18.50
C ARG B 113 5.98 8.07 -19.20
N ASN B 114 6.24 7.40 -20.32
CA ASN B 114 7.49 7.53 -21.06
C ASN B 114 7.69 8.88 -21.75
N ILE B 115 6.61 9.47 -22.26
CA ILE B 115 6.64 10.83 -22.78
C ILE B 115 7.15 11.77 -21.69
N PHE B 116 6.54 11.68 -20.51
CA PHE B 116 6.93 12.48 -19.36
C PHE B 116 8.36 12.22 -18.92
N TYR B 117 8.67 10.95 -18.67
CA TYR B 117 10.03 10.48 -18.38
C TYR B 117 11.04 11.12 -19.33
N ARG B 118 10.86 10.91 -20.64
CA ARG B 118 11.77 11.44 -21.65
C ARG B 118 11.87 12.96 -21.64
N ASN B 119 10.80 13.65 -21.24
CA ASN B 119 10.79 15.12 -21.27
C ASN B 119 10.65 15.82 -19.91
N PHE B 120 11.18 15.17 -18.86
CA PHE B 120 11.37 15.77 -17.52
C PHE B 120 10.13 16.12 -16.69
N TYR B 121 9.00 15.51 -17.02
CA TYR B 121 7.82 15.60 -16.18
C TYR B 121 7.80 14.38 -15.25
N ASP B 122 7.12 14.49 -14.12
CA ASP B 122 6.98 13.35 -13.24
C ASP B 122 6.14 12.30 -13.97
N PRO B 123 6.70 11.10 -14.12
CA PRO B 123 6.07 9.98 -14.82
C PRO B 123 4.72 9.51 -14.24
N TYR B 124 4.48 9.73 -12.94
CA TYR B 124 3.28 9.17 -12.29
C TYR B 124 2.32 10.16 -11.62
N ALA B 125 2.80 11.35 -11.29
CA ALA B 125 2.02 12.32 -10.49
C ALA B 125 0.64 12.65 -11.06
N TRP B 126 0.55 12.71 -12.39
CA TRP B 126 -0.71 12.98 -13.08
C TRP B 126 -1.84 12.05 -12.69
N SER B 127 -1.52 10.88 -12.13
CA SER B 127 -2.53 9.86 -11.88
C SER B 127 -2.85 9.62 -10.40
N TRP B 128 -2.17 10.34 -9.51
CA TRP B 128 -2.46 10.28 -8.08
C TRP B 128 -2.55 11.62 -7.41
N GLN B 129 -1.83 12.62 -7.90
CA GLN B 129 -1.76 13.93 -7.22
C GLN B 129 -3.02 14.78 -7.42
N HIS B 130 -3.34 15.57 -6.39
CA HIS B 130 -4.54 16.41 -6.36
C HIS B 130 -5.80 15.65 -6.69
N ASP B 131 -5.92 14.44 -6.13
CA ASP B 131 -7.13 13.63 -6.24
C ASP B 131 -7.38 13.02 -7.62
N ASN B 132 -6.45 13.23 -8.54
CA ASN B 132 -6.47 12.57 -9.83
C ASN B 132 -6.42 11.05 -9.69
N SER B 133 -7.18 10.36 -10.54
CA SER B 133 -7.17 8.91 -10.57
C SER B 133 -7.07 8.47 -12.02
N ARG B 134 -7.08 7.15 -12.25
CA ARG B 134 -7.19 6.62 -13.61
C ARG B 134 -8.21 5.49 -13.69
N TRP B 135 -8.65 5.19 -14.91
CA TRP B 135 -9.64 4.17 -15.17
C TRP B 135 -9.58 3.70 -16.59
N ASP B 136 -10.17 2.54 -16.86
CA ASP B 136 -10.10 1.91 -18.18
C ASP B 136 -11.44 1.26 -18.49
N LEU B 137 -12.01 1.61 -19.64
CA LEU B 137 -13.33 1.11 -19.98
C LEU B 137 -13.36 -0.30 -20.58
N LEU B 138 -12.23 -0.81 -21.05
CA LEU B 138 -12.18 -2.14 -21.64
C LEU B 138 -12.56 -3.25 -20.65
N ASP B 139 -11.97 -3.21 -19.45
CA ASP B 139 -12.29 -4.21 -18.44
C ASP B 139 -13.69 -3.99 -17.88
N VAL B 140 -14.16 -2.76 -17.97
CA VAL B 140 -15.55 -2.43 -17.62
C VAL B 140 -16.55 -3.05 -18.60
N MET B 141 -16.22 -3.03 -19.89
CA MET B 141 -17.04 -3.67 -20.92
C MET B 141 -17.06 -5.18 -20.74
N ARG B 142 -15.89 -5.75 -20.46
CA ARG B 142 -15.75 -7.18 -20.26
C ARG B 142 -16.56 -7.64 -19.07
N ALA B 143 -16.52 -6.87 -17.98
CA ALA B 143 -17.22 -7.26 -16.77
C ALA B 143 -18.71 -7.25 -17.03
N CYS B 144 -19.18 -6.23 -17.74
CA CYS B 144 -20.60 -6.09 -17.97
C CYS B 144 -21.12 -7.31 -18.73
N TYR B 145 -20.44 -7.67 -19.80
CA TYR B 145 -20.78 -8.84 -20.59
C TYR B 145 -20.87 -10.11 -19.72
N ALA B 146 -19.95 -10.23 -18.77
CA ALA B 146 -19.79 -11.45 -17.99
C ALA B 146 -20.72 -11.50 -16.80
N LEU B 147 -20.98 -10.33 -16.22
CA LEU B 147 -21.69 -10.27 -14.95
C LEU B 147 -23.12 -9.81 -15.10
N ARG B 148 -23.36 -8.80 -15.93
CA ARG B 148 -24.70 -8.25 -16.16
C ARG B 148 -24.85 -7.80 -17.61
N PRO B 149 -25.07 -8.75 -18.52
CA PRO B 149 -25.13 -8.45 -19.97
C PRO B 149 -26.42 -7.79 -20.49
N GLU B 150 -27.56 -8.02 -19.85
CA GLU B 150 -28.85 -7.51 -20.35
C GLU B 150 -28.84 -6.01 -20.63
N GLY B 151 -29.27 -5.63 -21.84
CA GLY B 151 -29.38 -4.23 -22.24
C GLY B 151 -28.52 -3.86 -23.44
N ILE B 152 -27.44 -4.61 -23.65
CA ILE B 152 -26.47 -4.33 -24.71
C ILE B 152 -26.45 -5.45 -25.76
N ASN B 153 -26.01 -5.16 -26.98
CA ASN B 153 -25.79 -6.19 -27.99
C ASN B 153 -24.32 -6.56 -28.08
N TRP B 154 -24.00 -7.82 -27.79
CA TRP B 154 -22.60 -8.25 -27.67
C TRP B 154 -22.14 -9.01 -28.88
N PRO B 155 -21.33 -8.35 -29.72
CA PRO B 155 -20.87 -8.98 -30.97
C PRO B 155 -20.01 -10.21 -30.74
N GLU B 156 -20.28 -11.26 -31.53
CA GLU B 156 -19.51 -12.50 -31.56
C GLU B 156 -18.60 -12.59 -32.79
N ASN B 157 -17.75 -13.61 -32.84
CA ASN B 157 -16.90 -13.91 -34.00
C ASN B 157 -17.13 -15.32 -34.53
N LEU B 161 -18.02 -16.41 -29.75
CA LEU B 161 -17.02 -15.79 -28.87
C LEU B 161 -16.95 -14.27 -28.99
N PRO B 162 -17.10 -13.57 -27.85
CA PRO B 162 -17.30 -12.12 -27.88
C PRO B 162 -16.05 -11.38 -28.31
N SER B 163 -16.25 -10.30 -29.05
CA SER B 163 -15.17 -9.40 -29.43
C SER B 163 -15.40 -8.13 -28.65
N PHE B 164 -14.32 -7.58 -28.10
CA PHE B 164 -14.42 -6.33 -27.35
C PHE B 164 -13.59 -5.26 -28.01
N ARG B 165 -13.43 -5.37 -29.32
CA ARG B 165 -12.83 -4.31 -30.11
C ARG B 165 -13.83 -3.15 -30.22
N LEU B 166 -13.31 -1.93 -30.10
CA LEU B 166 -14.19 -0.76 -29.97
C LEU B 166 -15.13 -0.58 -31.15
N GLU B 167 -14.61 -0.72 -32.37
CA GLU B 167 -15.42 -0.62 -33.58
C GLU B 167 -16.54 -1.65 -33.60
N HIS B 168 -16.24 -2.87 -33.15
CA HIS B 168 -17.23 -3.93 -33.09
C HIS B 168 -18.38 -3.63 -32.16
N LEU B 169 -18.09 -3.03 -31.00
CA LEU B 169 -19.13 -2.72 -30.00
C LEU B 169 -20.05 -1.57 -30.42
N THR B 170 -19.48 -0.52 -31.00
CA THR B 170 -20.25 0.68 -31.37
C THR B 170 -21.20 0.37 -32.50
N LYS B 171 -20.67 -0.29 -33.53
CA LYS B 171 -21.47 -0.84 -34.62
C LYS B 171 -22.63 -1.64 -34.04
N ALA B 172 -22.32 -2.61 -33.20
CA ALA B 172 -23.31 -3.52 -32.59
C ALA B 172 -24.43 -2.83 -31.78
N ASN B 173 -24.27 -1.56 -31.47
CA ASN B 173 -25.25 -0.89 -30.64
C ASN B 173 -25.76 0.41 -31.25
N GLY B 174 -25.56 0.54 -32.57
CA GLY B 174 -26.08 1.68 -33.33
C GLY B 174 -25.42 3.00 -32.94
N ILE B 175 -24.10 3.01 -32.98
CA ILE B 175 -23.30 4.19 -32.63
C ILE B 175 -22.21 4.34 -33.69
N GLU B 176 -21.97 5.59 -34.11
CA GLU B 176 -21.04 5.87 -35.21
C GLU B 176 -19.72 5.15 -35.02
N HIS B 177 -19.32 4.40 -36.04
CA HIS B 177 -18.21 3.45 -35.97
C HIS B 177 -17.22 3.71 -37.05
N SER B 178 -17.48 4.71 -37.88
CA SER B 178 -16.55 5.10 -38.93
C SER B 178 -15.34 5.82 -38.34
N ASN B 179 -14.24 5.81 -39.09
CA ASN B 179 -12.97 6.43 -38.68
C ASN B 179 -12.34 5.76 -37.45
N ALA B 180 -12.29 4.44 -37.45
CA ALA B 180 -11.54 3.70 -36.45
C ALA B 180 -10.04 4.00 -36.54
N HIS B 181 -9.40 4.04 -35.37
CA HIS B 181 -7.95 4.27 -35.22
C HIS B 181 -7.54 5.68 -35.53
N ASP B 182 -8.51 6.59 -35.46
CA ASP B 182 -8.26 8.00 -35.33
C ASP B 182 -8.47 8.37 -33.87
N ALA B 183 -7.45 8.95 -33.25
CA ALA B 183 -7.50 9.24 -31.83
C ALA B 183 -8.83 9.89 -31.39
N MET B 184 -9.30 10.86 -32.17
CA MET B 184 -10.51 11.61 -31.81
C MET B 184 -11.80 10.81 -31.96
N ALA B 185 -11.92 10.04 -33.03
CA ALA B 185 -13.12 9.24 -33.24
C ALA B 185 -13.26 8.17 -32.16
N ASP B 186 -12.13 7.65 -31.67
CA ASP B 186 -12.10 6.64 -30.61
C ASP B 186 -12.52 7.19 -29.24
N VAL B 187 -12.10 8.42 -28.95
CA VAL B 187 -12.58 9.11 -27.77
C VAL B 187 -14.12 9.18 -27.78
N TYR B 188 -14.69 9.78 -28.82
CA TYR B 188 -16.14 9.87 -28.97
C TYR B 188 -16.83 8.53 -28.76
N ALA B 189 -16.28 7.48 -29.39
CA ALA B 189 -16.81 6.13 -29.24
C ALA B 189 -16.73 5.60 -27.80
N THR B 190 -15.64 5.91 -27.10
CA THR B 190 -15.50 5.54 -25.69
C THR B 190 -16.54 6.25 -24.83
N ILE B 191 -16.72 7.55 -25.06
CA ILE B 191 -17.77 8.28 -24.37
C ILE B 191 -19.14 7.67 -24.68
N ALA B 192 -19.36 7.31 -25.94
CA ALA B 192 -20.62 6.68 -26.34
C ALA B 192 -20.87 5.36 -25.64
N MET B 193 -19.84 4.54 -25.50
CA MET B 193 -19.97 3.22 -24.87
C MET B 193 -20.14 3.31 -23.36
N ALA B 194 -19.36 4.21 -22.74
CA ALA B 194 -19.43 4.48 -21.32
C ALA B 194 -20.82 4.96 -20.94
N LYS B 195 -21.35 5.85 -21.78
CA LYS B 195 -22.71 6.37 -21.65
C LYS B 195 -23.70 5.21 -21.66
N LEU B 196 -23.53 4.29 -22.61
CA LEU B 196 -24.38 3.11 -22.74
C LEU B 196 -24.41 2.18 -21.50
N VAL B 197 -23.24 1.85 -20.95
CA VAL B 197 -23.15 0.97 -19.79
C VAL B 197 -23.80 1.58 -18.55
N LYS B 198 -23.43 2.82 -18.21
CA LYS B 198 -24.02 3.55 -17.09
C LYS B 198 -25.53 3.72 -17.21
N THR B 199 -26.00 3.89 -18.45
CA THR B 199 -27.42 3.96 -18.76
C THR B 199 -28.18 2.66 -18.42
N ARG B 200 -27.64 1.51 -18.84
CA ARG B 200 -28.31 0.21 -18.67
C ARG B 200 -27.99 -0.47 -17.34
N GLN B 201 -26.71 -0.52 -16.98
CA GLN B 201 -26.26 -1.17 -15.77
C GLN B 201 -25.61 -0.17 -14.81
N PRO B 202 -26.40 0.75 -14.23
CA PRO B 202 -25.80 1.79 -13.41
C PRO B 202 -25.22 1.26 -12.10
N ARG B 203 -25.79 0.18 -11.58
CA ARG B 203 -25.36 -0.39 -10.30
C ARG B 203 -23.95 -0.96 -10.44
N LEU B 204 -23.77 -1.80 -11.46
CA LEU B 204 -22.46 -2.37 -11.80
C LEU B 204 -21.44 -1.32 -12.20
N PHE B 205 -21.80 -0.46 -13.17
CA PHE B 205 -20.92 0.63 -13.58
C PHE B 205 -20.46 1.42 -12.36
N ASP B 206 -21.30 1.59 -11.37
CA ASP B 206 -20.88 2.34 -10.20
C ASP B 206 -20.02 1.54 -9.29
N TYR B 207 -20.33 0.28 -9.16
CA TYR B 207 -19.48 -0.58 -8.36
C TYR B 207 -18.04 -0.57 -8.88
N LEU B 208 -17.89 -0.71 -10.20
CA LEU B 208 -16.56 -0.79 -10.82
C LEU B 208 -15.84 0.53 -10.68
N PHE B 209 -16.58 1.63 -10.69
CA PHE B 209 -15.96 2.92 -10.60
C PHE B 209 -15.32 3.13 -9.23
N THR B 210 -16.04 2.80 -8.17
CA THR B 210 -15.54 3.07 -6.81
C THR B 210 -14.37 2.15 -6.43
N HIS B 211 -14.29 1.00 -7.09
CA HIS B 211 -13.28 0.00 -6.83
C HIS B 211 -12.09 0.08 -7.73
N ARG B 212 -11.93 1.19 -8.44
CA ARG B 212 -10.74 1.40 -9.23
C ARG B 212 -9.60 1.84 -8.31
N ASN B 213 -9.97 2.44 -7.19
CA ASN B 213 -9.07 2.80 -6.10
C ASN B 213 -8.48 1.54 -5.47
N LYS B 214 -7.16 1.51 -5.32
CA LYS B 214 -6.48 0.30 -4.84
C LYS B 214 -6.81 -0.06 -3.39
N HIS B 215 -7.12 0.93 -2.58
CA HIS B 215 -7.40 0.66 -1.18
C HIS B 215 -8.72 -0.02 -1.08
N LYS B 216 -9.64 0.37 -1.95
CA LYS B 216 -10.97 -0.24 -2.00
C LYS B 216 -10.88 -1.72 -2.42
N LEU B 217 -9.94 -2.04 -3.31
CA LEU B 217 -9.70 -3.42 -3.73
C LEU B 217 -9.13 -4.30 -2.61
N MET B 218 -8.28 -3.74 -1.77
CA MET B 218 -7.65 -4.52 -0.69
C MET B 218 -8.62 -4.99 0.39
N ALA B 219 -9.72 -4.26 0.55
CA ALA B 219 -10.78 -4.68 1.47
C ALA B 219 -11.52 -5.90 0.93
N LEU B 220 -11.38 -6.18 -0.37
CA LEU B 220 -11.89 -7.42 -0.96
C LEU B 220 -10.96 -8.62 -0.78
N ILE B 221 -9.66 -8.36 -0.75
CA ILE B 221 -8.66 -9.43 -0.79
C ILE B 221 -8.34 -10.00 0.59
N ASP B 222 -8.65 -11.29 0.80
CA ASP B 222 -8.38 -11.90 2.10
C ASP B 222 -7.33 -13.01 2.00
N VAL B 223 -6.06 -12.63 2.15
CA VAL B 223 -4.95 -13.59 2.01
C VAL B 223 -4.98 -14.74 3.03
N PRO B 224 -5.14 -14.42 4.34
CA PRO B 224 -5.13 -15.52 5.32
C PRO B 224 -6.31 -16.47 5.17
N GLN B 225 -7.53 -15.95 5.12
CA GLN B 225 -8.75 -16.75 4.90
C GLN B 225 -8.81 -17.38 3.50
N MET B 226 -8.06 -16.81 2.56
CA MET B 226 -8.03 -17.29 1.17
C MET B 226 -9.41 -17.14 0.53
N LYS B 227 -10.18 -16.19 1.04
CA LYS B 227 -11.59 -15.97 0.66
C LYS B 227 -11.77 -15.77 -0.84
N PRO B 228 -12.69 -16.54 -1.47
CA PRO B 228 -12.93 -16.54 -2.92
C PRO B 228 -13.43 -15.22 -3.52
N LEU B 229 -12.98 -14.93 -4.74
CA LEU B 229 -13.36 -13.71 -5.44
C LEU B 229 -13.59 -14.00 -6.92
N VAL B 230 -14.41 -13.18 -7.58
CA VAL B 230 -14.57 -13.25 -9.03
C VAL B 230 -13.67 -12.25 -9.76
N HIS B 231 -13.11 -12.65 -10.89
CA HIS B 231 -12.12 -11.83 -11.60
C HIS B 231 -12.39 -11.81 -13.05
N VAL B 232 -12.45 -10.62 -13.64
CA VAL B 232 -12.59 -10.50 -15.10
C VAL B 232 -11.29 -10.01 -15.71
N SER B 233 -10.69 -10.81 -16.57
CA SER B 233 -9.41 -10.45 -17.17
C SER B 233 -9.25 -11.06 -18.54
N GLY B 234 -8.54 -10.33 -19.41
CA GLY B 234 -8.25 -10.81 -20.75
C GLY B 234 -7.52 -12.12 -20.70
N MET B 235 -6.62 -12.24 -19.72
CA MET B 235 -5.84 -13.45 -19.48
C MET B 235 -6.67 -14.74 -19.46
N PHE B 236 -7.95 -14.65 -19.12
CA PHE B 236 -8.78 -15.84 -18.99
C PHE B 236 -9.30 -16.41 -20.30
N GLY B 237 -9.37 -15.58 -21.34
CA GLY B 237 -9.83 -16.00 -22.66
C GLY B 237 -11.32 -15.79 -22.90
N ALA B 238 -11.67 -15.49 -24.15
CA ALA B 238 -13.06 -15.30 -24.57
C ALA B 238 -13.92 -16.55 -24.42
N TRP B 239 -13.28 -17.72 -24.43
CA TRP B 239 -13.95 -19.00 -24.38
C TRP B 239 -14.63 -19.24 -23.06
N ARG B 240 -14.29 -18.45 -22.05
CA ARG B 240 -15.05 -18.45 -20.80
C ARG B 240 -15.52 -17.05 -20.45
N GLY B 241 -15.43 -16.16 -21.44
CA GLY B 241 -15.89 -14.80 -21.28
C GLY B 241 -15.02 -14.06 -20.30
N ASN B 242 -13.71 -14.39 -20.33
CA ASN B 242 -12.69 -13.68 -19.55
C ASN B 242 -12.88 -13.70 -18.03
N THR B 243 -13.53 -14.74 -17.53
CA THR B 243 -13.93 -14.79 -16.13
C THR B 243 -13.52 -16.09 -15.43
N SER B 244 -13.28 -15.99 -14.12
CA SER B 244 -13.20 -17.16 -13.26
C SER B 244 -13.43 -16.80 -11.81
N TRP B 245 -13.43 -17.82 -10.97
CA TRP B 245 -13.28 -17.65 -9.53
C TRP B 245 -11.83 -17.84 -9.16
N VAL B 246 -11.34 -16.93 -8.32
CA VAL B 246 -9.96 -16.96 -7.86
C VAL B 246 -9.87 -16.88 -6.34
N ALA B 247 -8.75 -17.40 -5.82
CA ALA B 247 -8.44 -17.32 -4.41
C ALA B 247 -7.06 -16.70 -4.22
N PRO B 248 -6.97 -15.65 -3.38
CA PRO B 248 -5.70 -15.01 -3.05
C PRO B 248 -4.83 -15.94 -2.21
N LEU B 249 -3.73 -16.39 -2.79
CA LEU B 249 -2.77 -17.19 -2.03
C LEU B 249 -1.88 -16.32 -1.14
N ALA B 250 -1.11 -15.44 -1.76
CA ALA B 250 -0.18 -14.60 -1.04
C ALA B 250 0.10 -13.31 -1.79
N TRP B 251 0.73 -12.35 -1.12
CA TRP B 251 1.23 -11.15 -1.75
C TRP B 251 2.55 -11.44 -2.38
N HIS B 252 2.71 -11.03 -3.65
CA HIS B 252 3.98 -11.14 -4.36
C HIS B 252 5.14 -10.71 -3.50
N PRO B 253 6.20 -11.53 -3.44
CA PRO B 253 7.27 -11.25 -2.48
C PRO B 253 8.17 -10.08 -2.86
N GLU B 254 8.13 -9.68 -4.12
CA GLU B 254 9.01 -8.62 -4.62
C GLU B 254 8.24 -7.39 -5.09
N ASN B 255 6.99 -7.60 -5.50
CA ASN B 255 6.10 -6.50 -5.91
C ASN B 255 4.96 -6.31 -4.93
N ARG B 256 4.95 -5.16 -4.27
CA ARG B 256 3.97 -4.88 -3.23
C ARG B 256 2.57 -4.59 -3.80
N ASN B 257 2.52 -4.24 -5.08
CA ASN B 257 1.25 -3.92 -5.76
C ASN B 257 0.53 -5.14 -6.38
N ALA B 258 1.13 -6.33 -6.21
CA ALA B 258 0.63 -7.54 -6.85
C ALA B 258 0.28 -8.63 -5.84
N VAL B 259 -0.83 -9.31 -6.09
CA VAL B 259 -1.25 -10.44 -5.27
C VAL B 259 -1.21 -11.72 -6.11
N ILE B 260 -0.67 -12.79 -5.53
CA ILE B 260 -0.57 -14.07 -6.23
C ILE B 260 -1.87 -14.82 -6.04
N MET B 261 -2.51 -15.15 -7.15
CA MET B 261 -3.82 -15.79 -7.08
C MET B 261 -3.86 -17.12 -7.82
N VAL B 262 -4.82 -17.95 -7.42
N VAL B 262 -4.83 -17.93 -7.45
CA VAL B 262 -5.03 -19.23 -8.06
CA VAL B 262 -5.01 -19.22 -8.07
C VAL B 262 -6.35 -19.19 -8.81
C VAL B 262 -6.35 -19.31 -8.78
N ASP B 263 -6.29 -19.54 -10.11
CA ASP B 263 -7.50 -19.73 -10.90
C ASP B 263 -8.19 -21.00 -10.44
N LEU B 264 -9.23 -20.85 -9.63
CA LEU B 264 -9.91 -22.00 -9.01
C LEU B 264 -10.63 -22.90 -10.02
N ALA B 265 -10.59 -22.51 -11.29
CA ALA B 265 -11.26 -23.25 -12.36
C ALA B 265 -10.32 -24.22 -13.06
N GLY B 266 -9.03 -24.14 -12.74
CA GLY B 266 -8.02 -25.01 -13.33
C GLY B 266 -7.76 -26.25 -12.50
N ASP B 267 -6.80 -27.06 -12.95
CA ASP B 267 -6.42 -28.28 -12.22
C ASP B 267 -5.26 -28.01 -11.29
N ILE B 268 -5.46 -28.25 -10.00
CA ILE B 268 -4.45 -27.91 -9.00
C ILE B 268 -3.50 -29.07 -8.65
N SER B 269 -3.56 -30.15 -9.43
CA SER B 269 -2.65 -31.27 -9.29
C SER B 269 -1.19 -30.81 -9.32
N PRO B 270 -0.81 -30.03 -10.35
CA PRO B 270 0.58 -29.53 -10.44
C PRO B 270 1.06 -28.77 -9.19
N LEU B 271 0.17 -28.00 -8.57
CA LEU B 271 0.52 -27.25 -7.36
C LEU B 271 0.84 -28.18 -6.20
N LEU B 272 0.20 -29.35 -6.18
CA LEU B 272 0.36 -30.33 -5.12
C LEU B 272 1.57 -31.24 -5.31
N GLU B 273 1.84 -31.62 -6.55
CA GLU B 273 2.83 -32.68 -6.83
C GLU B 273 4.17 -32.20 -7.39
N LEU B 274 4.15 -31.14 -8.19
CA LEU B 274 5.41 -30.55 -8.68
C LEU B 274 6.09 -29.71 -7.57
N ASP B 275 7.28 -29.18 -7.86
CA ASP B 275 8.02 -28.41 -6.86
C ASP B 275 8.56 -27.06 -7.37
N SER B 276 8.86 -26.18 -6.42
CA SER B 276 9.32 -24.82 -6.65
C SER B 276 9.81 -24.47 -8.06
N ASP B 277 11.02 -24.92 -8.39
CA ASP B 277 11.66 -24.60 -9.68
C ASP B 277 10.95 -25.26 -10.87
N THR B 278 10.52 -26.51 -10.71
CA THR B 278 9.82 -27.24 -11.78
C THR B 278 8.52 -26.54 -12.19
N LEU B 279 7.85 -25.93 -11.22
CA LEU B 279 6.66 -25.13 -11.45
C LEU B 279 6.96 -23.88 -12.27
N ARG B 280 8.00 -23.13 -11.89
CA ARG B 280 8.40 -21.92 -12.62
C ARG B 280 8.58 -22.24 -14.09
N GLU B 281 9.39 -23.28 -14.37
CA GLU B 281 9.56 -23.79 -15.72
C GLU B 281 8.20 -23.98 -16.37
N ARG B 282 7.36 -24.79 -15.72
CA ARG B 282 6.03 -25.12 -16.22
C ARG B 282 5.15 -23.88 -16.41
N LEU B 283 5.22 -22.95 -15.47
CA LEU B 283 4.42 -21.73 -15.51
C LEU B 283 4.71 -20.90 -16.74
N TYR B 284 5.98 -20.86 -17.15
CA TYR B 284 6.35 -20.14 -18.36
C TYR B 284 6.70 -21.04 -19.54
N THR B 285 5.83 -22.02 -19.78
CA THR B 285 5.86 -22.88 -20.96
C THR B 285 4.58 -22.66 -21.79
N ALA B 286 4.72 -22.69 -23.10
CA ALA B 286 3.61 -22.38 -24.01
C ALA B 286 2.53 -23.47 -24.04
N LYS B 287 1.32 -23.09 -24.46
CA LYS B 287 0.20 -24.03 -24.64
C LYS B 287 0.59 -25.24 -25.50
N THR B 288 1.07 -24.97 -26.71
CA THR B 288 1.46 -26.02 -27.64
C THR B 288 2.85 -26.61 -27.33
N ASP B 289 3.48 -26.08 -26.27
CA ASP B 289 4.70 -26.64 -25.71
C ASP B 289 4.41 -27.39 -24.40
N LEU B 290 3.15 -27.35 -23.95
CA LEU B 290 2.74 -28.05 -22.72
C LEU B 290 2.66 -29.56 -22.88
N GLY B 291 2.13 -29.99 -24.03
CA GLY B 291 1.94 -31.41 -24.33
C GLY B 291 0.84 -32.01 -23.49
N ASP B 292 1.18 -33.03 -22.71
CA ASP B 292 0.21 -33.72 -21.86
C ASP B 292 0.27 -33.26 -20.40
N ASN B 293 1.13 -32.29 -20.14
CA ASN B 293 1.24 -31.68 -18.82
C ASN B 293 0.14 -30.64 -18.60
N ALA B 294 -0.22 -30.43 -17.34
CA ALA B 294 -1.24 -29.45 -16.98
C ALA B 294 -0.65 -28.05 -16.83
N ALA B 295 -1.42 -27.03 -17.24
CA ALA B 295 -1.02 -25.64 -17.09
C ALA B 295 -1.08 -25.23 -15.62
N VAL B 296 -0.12 -24.41 -15.18
CA VAL B 296 -0.10 -23.91 -13.82
C VAL B 296 -1.18 -22.82 -13.70
N PRO B 297 -2.17 -23.03 -12.79
CA PRO B 297 -3.38 -22.20 -12.68
C PRO B 297 -3.17 -20.99 -11.75
N VAL B 298 -2.06 -20.30 -11.96
CA VAL B 298 -1.60 -19.27 -11.05
C VAL B 298 -1.51 -18.00 -11.87
N LYS B 299 -2.02 -16.89 -11.33
CA LYS B 299 -1.91 -15.61 -12.03
C LYS B 299 -1.78 -14.43 -11.10
N LEU B 300 -1.05 -13.40 -11.55
CA LEU B 300 -0.88 -12.17 -10.76
C LEU B 300 -2.00 -11.17 -11.00
N VAL B 301 -2.40 -10.49 -9.94
CA VAL B 301 -3.37 -9.41 -10.02
C VAL B 301 -2.75 -8.14 -9.44
N HIS B 302 -2.75 -7.08 -10.25
CA HIS B 302 -2.13 -5.81 -9.89
C HIS B 302 -3.16 -4.84 -9.41
N ILE B 303 -3.17 -4.59 -8.10
CA ILE B 303 -4.15 -3.68 -7.51
C ILE B 303 -4.00 -2.23 -7.95
N ASN B 304 -3.00 -1.94 -8.79
CA ASN B 304 -2.82 -0.60 -9.33
C ASN B 304 -3.11 -0.53 -10.82
N LYS B 305 -3.64 -1.60 -11.39
CA LYS B 305 -3.98 -1.61 -12.81
C LYS B 305 -5.48 -1.77 -13.06
N CYS B 306 -6.30 -1.23 -12.15
CA CYS B 306 -7.76 -1.33 -12.23
C CYS B 306 -8.29 -2.73 -12.56
N PRO B 307 -7.96 -3.74 -11.74
CA PRO B 307 -8.53 -5.04 -12.05
C PRO B 307 -9.99 -5.12 -11.61
N VAL B 308 -10.78 -5.95 -12.29
CA VAL B 308 -12.18 -6.14 -11.96
C VAL B 308 -12.35 -7.29 -10.96
N LEU B 309 -12.60 -6.94 -9.71
CA LEU B 309 -12.81 -7.92 -8.66
C LEU B 309 -14.10 -7.63 -7.93
N ALA B 310 -14.83 -8.70 -7.61
CA ALA B 310 -16.05 -8.60 -6.82
C ALA B 310 -16.18 -9.84 -5.94
N GLN B 311 -17.04 -9.79 -4.93
CA GLN B 311 -17.22 -10.93 -4.04
C GLN B 311 -17.76 -12.14 -4.83
N ALA B 312 -17.44 -13.34 -4.36
CA ALA B 312 -17.70 -14.56 -5.14
C ALA B 312 -19.12 -14.65 -5.71
N ASN B 313 -20.13 -14.43 -4.87
CA ASN B 313 -21.54 -14.57 -5.27
C ASN B 313 -22.07 -13.54 -6.29
N THR B 314 -21.30 -12.48 -6.57
CA THR B 314 -21.64 -11.49 -7.60
C THR B 314 -21.82 -12.15 -8.97
N LEU B 315 -21.08 -13.23 -9.20
CA LEU B 315 -21.32 -14.07 -10.37
C LEU B 315 -22.36 -15.11 -10.01
N ARG B 316 -23.53 -14.97 -10.64
CA ARG B 316 -24.67 -15.80 -10.32
C ARG B 316 -24.54 -17.19 -10.94
N PRO B 317 -25.26 -18.18 -10.36
CA PRO B 317 -25.40 -19.50 -10.97
C PRO B 317 -25.95 -19.42 -12.40
N GLU B 318 -26.83 -18.46 -12.66
CA GLU B 318 -27.35 -18.22 -14.02
C GLU B 318 -26.23 -17.85 -15.00
N ASP B 319 -25.30 -17.02 -14.53
CA ASP B 319 -24.21 -16.48 -15.35
C ASP B 319 -23.01 -17.42 -15.47
N ALA B 320 -22.83 -18.30 -14.48
CA ALA B 320 -21.83 -19.36 -14.55
C ALA B 320 -22.16 -20.35 -15.68
N ASP B 321 -23.41 -20.81 -15.72
CA ASP B 321 -23.94 -21.68 -16.77
C ASP B 321 -23.72 -21.05 -18.13
N ARG B 322 -24.09 -19.77 -18.23
CA ARG B 322 -24.00 -18.99 -19.44
C ARG B 322 -22.62 -19.02 -20.07
N LEU B 323 -21.59 -18.99 -19.22
CA LEU B 323 -20.20 -18.96 -19.68
C LEU B 323 -19.49 -20.30 -19.53
N GLY B 324 -20.22 -21.29 -19.03
CA GLY B 324 -19.66 -22.63 -18.81
C GLY B 324 -18.59 -22.59 -17.73
N ILE B 325 -18.96 -22.07 -16.57
CA ILE B 325 -18.07 -22.04 -15.43
C ILE B 325 -18.60 -23.02 -14.40
N ASN B 326 -17.74 -23.92 -13.94
CA ASN B 326 -18.14 -25.00 -13.04
C ASN B 326 -17.99 -24.61 -11.57
N ARG B 327 -19.06 -24.08 -10.99
CA ARG B 327 -19.00 -23.59 -9.60
C ARG B 327 -18.57 -24.64 -8.59
N GLN B 328 -19.08 -25.85 -8.72
CA GLN B 328 -18.77 -26.91 -7.76
C GLN B 328 -17.30 -27.32 -7.85
N HIS B 329 -16.76 -27.35 -9.08
CA HIS B 329 -15.35 -27.68 -9.30
C HIS B 329 -14.47 -26.66 -8.62
N CYS B 330 -14.90 -25.40 -8.66
CA CYS B 330 -14.17 -24.29 -8.07
C CYS B 330 -14.15 -24.38 -6.56
N LEU B 331 -15.32 -24.66 -5.98
CA LEU B 331 -15.44 -24.88 -4.55
C LEU B 331 -14.61 -26.07 -4.03
N ASP B 332 -14.43 -27.09 -4.86
CA ASP B 332 -13.65 -28.26 -4.48
C ASP B 332 -12.17 -27.91 -4.41
N ASN B 333 -11.70 -27.20 -5.43
CA ASN B 333 -10.33 -26.70 -5.46
C ASN B 333 -10.01 -25.85 -4.22
N LEU B 334 -10.90 -24.90 -3.91
CA LEU B 334 -10.70 -24.02 -2.76
C LEU B 334 -10.61 -24.82 -1.45
N LYS B 335 -11.44 -25.86 -1.35
CA LYS B 335 -11.46 -26.73 -0.18
C LYS B 335 -10.16 -27.51 -0.08
N ILE B 336 -9.64 -27.96 -1.21
CA ILE B 336 -8.37 -28.67 -1.22
C ILE B 336 -7.26 -27.72 -0.79
N LEU B 337 -7.29 -26.50 -1.33
CA LEU B 337 -6.27 -25.50 -1.02
C LEU B 337 -6.21 -25.14 0.45
N ARG B 338 -7.36 -25.01 1.09
CA ARG B 338 -7.41 -24.72 2.52
C ARG B 338 -6.81 -25.86 3.34
N GLU B 339 -6.95 -27.09 2.85
CA GLU B 339 -6.37 -28.28 3.50
C GLU B 339 -4.87 -28.43 3.27
N ASN B 340 -4.34 -27.75 2.24
CA ASN B 340 -2.94 -27.89 1.88
C ASN B 340 -2.17 -26.57 1.96
N PRO B 341 -1.74 -26.17 3.18
CA PRO B 341 -1.08 -24.87 3.35
C PRO B 341 0.33 -24.83 2.77
N GLN B 342 0.87 -26.00 2.42
CA GLN B 342 2.21 -26.08 1.83
C GLN B 342 2.21 -25.57 0.38
N VAL B 343 1.04 -25.56 -0.23
CA VAL B 343 0.87 -25.02 -1.58
C VAL B 343 1.22 -23.54 -1.59
N ARG B 344 0.75 -22.84 -0.55
CA ARG B 344 1.00 -21.41 -0.37
C ARG B 344 2.50 -21.09 -0.42
N GLU B 345 3.29 -21.89 0.30
CA GLU B 345 4.74 -21.72 0.37
C GLU B 345 5.40 -21.92 -0.98
N LYS B 346 4.88 -22.86 -1.77
CA LYS B 346 5.48 -23.23 -3.04
C LYS B 346 5.25 -22.18 -4.13
N VAL B 347 4.04 -21.63 -4.21
CA VAL B 347 3.71 -20.69 -5.29
C VAL B 347 4.34 -19.32 -5.11
N VAL B 348 4.53 -18.87 -3.87
CA VAL B 348 5.34 -17.68 -3.61
C VAL B 348 6.74 -17.90 -4.17
N ALA B 349 7.32 -19.05 -3.79
CA ALA B 349 8.65 -19.46 -4.20
C ALA B 349 8.90 -19.38 -5.71
N ILE B 350 7.85 -19.56 -6.51
CA ILE B 350 7.95 -19.35 -7.95
C ILE B 350 8.38 -17.91 -8.23
N PHE B 351 7.84 -16.98 -7.45
CA PHE B 351 7.94 -15.56 -7.77
C PHE B 351 9.10 -14.82 -7.13
N ALA B 352 9.71 -15.41 -6.10
CA ALA B 352 10.94 -14.85 -5.54
C ALA B 352 12.08 -15.20 -6.50
N GLU B 353 12.21 -14.38 -7.55
CA GLU B 353 13.02 -14.68 -8.74
C GLU B 353 12.42 -15.81 -9.57
N PHE B 357 15.90 -9.70 -13.28
CA PHE B 357 15.89 -9.22 -14.65
C PHE B 357 16.61 -7.88 -14.80
N THR B 358 17.73 -7.91 -15.53
CA THR B 358 18.54 -6.71 -15.80
C THR B 358 18.24 -6.13 -17.20
N PRO B 359 18.05 -4.79 -17.29
CA PRO B 359 17.60 -4.15 -18.52
C PRO B 359 18.70 -3.88 -19.54
N SER B 360 18.41 -3.02 -20.51
CA SER B 360 19.36 -2.64 -21.55
C SER B 360 20.05 -1.32 -21.20
N ASP B 361 21.04 -0.94 -22.00
CA ASP B 361 21.83 0.28 -21.80
C ASP B 361 21.18 1.54 -22.41
N ASN B 362 20.13 1.35 -23.20
CA ASN B 362 19.40 2.45 -23.78
C ASN B 362 18.61 3.18 -22.70
N VAL B 363 18.87 4.48 -22.55
CA VAL B 363 18.23 5.27 -21.48
C VAL B 363 16.71 5.42 -21.65
N ASP B 364 16.23 5.39 -22.90
CA ASP B 364 14.79 5.51 -23.16
C ASP B 364 14.02 4.36 -22.54
N ALA B 365 14.73 3.30 -22.19
CA ALA B 365 14.13 2.09 -21.64
C ALA B 365 14.41 1.92 -20.15
N GLN B 366 14.73 3.00 -19.46
CA GLN B 366 15.17 2.89 -18.07
C GLN B 366 14.21 3.45 -17.02
N LEU B 367 12.98 3.75 -17.42
CA LEU B 367 11.98 4.29 -16.51
C LEU B 367 11.80 3.45 -15.23
N TYR B 368 11.87 2.14 -15.35
CA TYR B 368 11.62 1.26 -14.21
C TYR B 368 12.89 0.85 -13.45
N ASN B 369 14.00 1.55 -13.70
CA ASN B 369 15.20 1.33 -12.89
C ASN B 369 14.99 1.73 -11.45
N GLY B 370 14.19 2.76 -11.22
CA GLY B 370 13.85 3.18 -9.87
C GLY B 370 13.20 4.54 -9.89
N PHE B 371 12.64 4.94 -8.75
CA PHE B 371 12.13 6.30 -8.59
C PHE B 371 13.28 7.29 -8.60
N PHE B 372 12.96 8.56 -8.87
CA PHE B 372 13.89 9.67 -8.71
C PHE B 372 13.71 10.25 -7.33
N SER B 373 14.79 10.72 -6.72
CA SER B 373 14.72 11.39 -5.42
C SER B 373 14.06 12.76 -5.51
N ASP B 374 13.90 13.41 -4.35
CA ASP B 374 13.36 14.78 -4.26
C ASP B 374 14.32 15.79 -4.88
N ALA B 375 15.62 15.58 -4.67
CA ALA B 375 16.67 16.37 -5.30
C ALA B 375 16.57 16.28 -6.81
N ASP B 376 16.51 15.06 -7.32
CA ASP B 376 16.42 14.79 -8.75
C ASP B 376 15.25 15.54 -9.41
N ARG B 377 14.10 15.58 -8.76
CA ARG B 377 12.96 16.34 -9.25
C ARG B 377 13.16 17.83 -9.21
N ALA B 378 13.81 18.31 -8.17
CA ALA B 378 14.12 19.74 -8.04
C ALA B 378 15.00 20.19 -9.20
N ALA B 379 15.97 19.36 -9.57
CA ALA B 379 16.82 19.63 -10.73
C ALA B 379 16.00 19.65 -12.03
N MET B 380 15.13 18.66 -12.19
CA MET B 380 14.30 18.54 -13.39
C MET B 380 13.31 19.67 -13.57
N LYS B 381 12.87 20.27 -12.46
CA LYS B 381 12.05 21.46 -12.51
C LYS B 381 12.84 22.62 -13.09
N ILE B 382 14.10 22.77 -12.67
CA ILE B 382 14.98 23.84 -13.17
C ILE B 382 15.18 23.72 -14.69
N VAL B 383 15.29 22.48 -15.18
CA VAL B 383 15.42 22.23 -16.61
C VAL B 383 14.21 22.80 -17.37
N LEU B 384 13.01 22.49 -16.91
N LEU B 384 13.01 22.49 -16.91
CA LEU B 384 11.77 22.93 -17.58
CA LEU B 384 11.77 22.92 -17.56
C LEU B 384 11.60 24.45 -17.66
C LEU B 384 11.62 24.44 -17.66
N GLU B 385 12.20 25.17 -16.72
CA GLU B 385 12.09 26.64 -16.70
C GLU B 385 13.30 27.35 -17.35
N THR B 386 14.24 26.58 -17.88
CA THR B 386 15.44 27.14 -18.50
C THR B 386 15.35 27.15 -20.02
N GLU B 387 15.79 28.22 -20.66
CA GLU B 387 15.75 28.28 -22.09
C GLU B 387 16.66 27.26 -22.66
N PRO B 388 16.25 26.65 -23.75
CA PRO B 388 17.05 25.62 -24.40
C PRO B 388 18.51 25.98 -24.57
N ARG B 389 18.79 27.21 -25.02
CA ARG B 389 20.18 27.64 -25.23
C ARG B 389 21.03 27.59 -23.96
N ASN B 390 20.40 27.81 -22.82
CA ASN B 390 21.09 27.86 -21.54
C ASN B 390 21.39 26.52 -20.88
N LEU B 391 20.77 25.44 -21.38
CA LEU B 391 20.90 24.12 -20.73
C LEU B 391 22.34 23.57 -20.59
N PRO B 392 23.23 23.78 -21.58
CA PRO B 392 24.61 23.27 -21.37
C PRO B 392 25.31 23.85 -20.13
N ALA B 393 24.75 24.89 -19.52
CA ALA B 393 25.38 25.56 -18.38
C ALA B 393 24.87 25.11 -17.00
N LEU B 394 23.94 24.16 -16.98
CA LEU B 394 23.40 23.62 -15.71
C LEU B 394 24.30 22.56 -15.08
N ASP B 395 24.34 22.55 -13.74
CA ASP B 395 25.10 21.57 -12.98
C ASP B 395 24.28 20.30 -12.67
N ILE B 396 24.79 19.17 -13.14
CA ILE B 396 24.05 17.91 -13.17
C ILE B 396 24.89 16.65 -12.83
N THR B 397 25.86 16.82 -11.92
CA THR B 397 26.78 15.73 -11.60
C THR B 397 26.49 15.03 -10.25
N PHE B 398 25.77 15.71 -9.37
CA PHE B 398 25.37 15.12 -8.09
C PHE B 398 23.97 14.47 -8.16
N VAL B 399 23.45 14.35 -9.37
CA VAL B 399 22.12 13.80 -9.60
C VAL B 399 22.17 12.32 -10.02
N ASP B 400 21.00 11.76 -10.34
CA ASP B 400 20.85 10.39 -10.84
C ASP B 400 21.48 10.20 -12.23
N LYS B 401 22.10 9.05 -12.45
CA LYS B 401 22.91 8.80 -13.66
C LYS B 401 22.14 8.77 -14.97
N ARG B 402 20.85 8.49 -14.89
CA ARG B 402 19.97 8.50 -16.07
C ARG B 402 19.82 9.90 -16.67
N ILE B 403 19.94 10.92 -15.83
CA ILE B 403 19.63 12.31 -16.22
C ILE B 403 20.60 12.95 -17.22
N GLU B 404 21.89 12.61 -17.13
CA GLU B 404 22.87 13.10 -18.11
C GLU B 404 22.43 12.67 -19.50
N LYS B 405 22.25 11.36 -19.65
CA LYS B 405 21.83 10.70 -20.89
C LYS B 405 20.48 11.21 -21.37
N LEU B 406 19.52 11.25 -20.45
CA LEU B 406 18.20 11.81 -20.75
C LEU B 406 18.28 13.25 -21.28
N LEU B 407 19.13 14.07 -20.67
CA LEU B 407 19.27 15.46 -21.06
C LEU B 407 19.83 15.64 -22.47
N PHE B 408 20.81 14.82 -22.83
CA PHE B 408 21.40 14.93 -24.15
C PHE B 408 20.40 14.62 -25.27
N ASN B 409 19.70 13.49 -25.15
CA ASN B 409 18.64 13.09 -26.09
C ASN B 409 17.53 14.13 -26.20
N TYR B 410 17.11 14.64 -25.06
CA TYR B 410 16.15 15.72 -24.99
C TYR B 410 16.56 16.90 -25.88
N ARG B 411 17.78 17.40 -25.67
CA ARG B 411 18.31 18.56 -26.41
C ARG B 411 18.44 18.33 -27.91
N ALA B 412 19.01 17.20 -28.29
CA ALA B 412 19.24 16.85 -29.69
C ALA B 412 17.95 16.63 -30.49
N ARG B 413 16.98 15.97 -29.88
CA ARG B 413 15.72 15.65 -30.52
C ARG B 413 14.75 16.82 -30.64
N ASN B 414 14.86 17.78 -29.73
CA ASN B 414 13.90 18.89 -29.66
C ASN B 414 14.50 20.23 -30.04
N PHE B 415 15.76 20.44 -29.68
CA PHE B 415 16.40 21.73 -29.93
C PHE B 415 17.74 21.52 -30.63
N PRO B 416 17.75 20.80 -31.78
CA PRO B 416 19.00 20.36 -32.40
C PRO B 416 19.91 21.54 -32.75
N GLY B 417 19.31 22.68 -33.08
CA GLY B 417 20.06 23.89 -33.34
C GLY B 417 20.86 24.44 -32.17
N THR B 418 20.65 23.92 -30.96
CA THR B 418 21.36 24.41 -29.77
C THR B 418 22.57 23.55 -29.38
N LEU B 419 22.88 22.52 -30.16
CA LEU B 419 24.04 21.70 -29.84
C LEU B 419 25.30 22.35 -30.40
N ASP B 420 26.40 22.18 -29.69
CA ASP B 420 27.69 22.63 -30.21
C ASP B 420 28.29 21.60 -31.18
N TYR B 421 29.40 21.97 -31.81
CA TYR B 421 30.09 21.15 -32.80
C TYR B 421 30.31 19.72 -32.31
N ALA B 422 31.00 19.56 -31.18
CA ALA B 422 31.28 18.24 -30.62
C ALA B 422 30.02 17.43 -30.33
N GLU B 423 29.02 18.12 -29.77
CA GLU B 423 27.74 17.51 -29.46
C GLU B 423 27.02 17.01 -30.72
N GLN B 424 27.06 17.81 -31.79
CA GLN B 424 26.52 17.42 -33.09
C GLN B 424 27.18 16.16 -33.65
N GLN B 425 28.49 16.02 -33.46
CA GLN B 425 29.24 14.82 -33.87
C GLN B 425 28.79 13.57 -33.13
N ARG B 426 28.52 13.73 -31.83
CA ARG B 426 28.00 12.66 -31.03
C ARG B 426 26.60 12.26 -31.46
N TRP B 427 25.82 13.25 -31.92
CA TRP B 427 24.47 12.96 -32.40
C TRP B 427 24.45 12.36 -33.79
N LEU B 428 25.42 12.74 -34.61
CA LEU B 428 25.57 12.19 -35.94
C LEU B 428 26.01 10.74 -35.78
N GLU B 429 26.91 10.51 -34.83
CA GLU B 429 27.37 9.17 -34.48
C GLU B 429 26.20 8.28 -34.04
N HIS B 430 25.42 8.76 -33.08
CA HIS B 430 24.25 8.04 -32.56
C HIS B 430 23.29 7.64 -33.63
N ARG B 431 23.05 8.52 -34.61
CA ARG B 431 22.17 8.21 -35.75
C ARG B 431 22.73 7.09 -36.62
N ARG B 432 24.06 7.09 -36.80
CA ARG B 432 24.77 6.04 -37.55
C ARG B 432 24.72 4.72 -36.81
N GLN B 433 24.60 4.80 -35.49
CA GLN B 433 24.48 3.61 -34.67
C GLN B 433 23.08 3.00 -34.68
N VAL B 434 22.05 3.85 -34.85
CA VAL B 434 20.68 3.38 -35.02
C VAL B 434 20.52 2.85 -36.44
N PHE B 435 20.77 3.71 -37.42
CA PHE B 435 20.57 3.37 -38.83
C PHE B 435 21.73 2.63 -39.47
N THR B 436 22.01 1.44 -38.95
CA THR B 436 23.02 0.55 -39.51
C THR B 436 22.49 -0.09 -40.78
N PRO B 437 23.40 -0.57 -41.65
CA PRO B 437 23.00 -1.27 -42.87
C PRO B 437 22.12 -2.47 -42.56
N GLU B 438 22.43 -3.19 -41.49
CA GLU B 438 21.65 -4.34 -41.07
C GLU B 438 20.22 -3.94 -40.72
N PHE B 439 20.09 -2.80 -40.02
CA PHE B 439 18.79 -2.23 -39.63
C PHE B 439 17.97 -1.77 -40.84
N LEU B 440 18.58 -1.01 -41.70
CA LEU B 440 17.91 -0.57 -42.89
C LEU B 440 17.48 -1.69 -43.78
N GLN B 441 18.23 -2.75 -43.83
CA GLN B 441 17.86 -3.89 -44.64
C GLN B 441 16.61 -4.56 -44.07
N GLY B 442 16.65 -4.89 -42.78
CA GLY B 442 15.52 -5.48 -42.11
C GLY B 442 14.27 -4.70 -42.40
N TYR B 443 14.39 -3.37 -42.27
CA TYR B 443 13.29 -2.45 -42.55
C TYR B 443 12.78 -2.59 -43.98
N ALA B 444 13.65 -2.32 -44.96
CA ALA B 444 13.32 -2.48 -46.37
C ALA B 444 12.70 -3.85 -46.70
N ASP B 445 13.27 -4.91 -46.16
CA ASP B 445 12.74 -6.23 -46.40
C ASP B 445 11.30 -6.31 -45.86
N GLU B 446 11.06 -5.75 -44.67
CA GLU B 446 9.71 -5.72 -44.11
C GLU B 446 8.70 -4.93 -44.99
N LEU B 447 9.07 -3.72 -45.41
CA LEU B 447 8.23 -2.92 -46.29
C LEU B 447 7.88 -3.68 -47.56
N GLN B 448 8.86 -4.30 -48.20
CA GLN B 448 8.62 -5.03 -49.44
C GLN B 448 7.76 -6.26 -49.26
N MET B 449 7.91 -6.94 -48.16
CA MET B 449 7.09 -8.09 -47.84
C MET B 449 5.65 -7.64 -47.74
N LEU B 450 5.44 -6.53 -47.05
CA LEU B 450 4.10 -5.95 -46.88
C LEU B 450 3.54 -5.38 -48.18
N VAL B 451 4.40 -4.86 -49.06
CA VAL B 451 3.92 -4.28 -50.31
C VAL B 451 3.43 -5.33 -51.29
N GLN B 452 4.04 -6.52 -51.27
CA GLN B 452 3.58 -7.62 -52.11
C GLN B 452 2.35 -8.27 -51.49
N GLN B 453 2.25 -8.24 -50.18
CA GLN B 453 1.09 -8.79 -49.48
C GLN B 453 -0.19 -7.98 -49.67
N TYR B 454 -0.06 -6.71 -50.07
CA TYR B 454 -1.20 -5.83 -50.26
C TYR B 454 -1.22 -5.17 -51.64
N ALA B 455 -0.58 -5.80 -52.62
CA ALA B 455 -0.48 -5.25 -53.97
C ALA B 455 -1.84 -4.76 -54.52
N ASP B 456 -2.90 -5.37 -54.05
CA ASP B 456 -4.23 -5.04 -54.53
C ASP B 456 -4.90 -3.93 -53.77
N ASP B 457 -4.40 -3.63 -52.58
CA ASP B 457 -4.92 -2.57 -51.71
C ASP B 457 -4.14 -1.27 -51.87
N LYS B 458 -4.50 -0.50 -52.90
CA LYS B 458 -3.77 0.73 -53.27
C LYS B 458 -3.54 1.75 -52.15
N GLU B 459 -4.47 1.86 -51.21
CA GLU B 459 -4.34 2.77 -50.08
C GLU B 459 -3.13 2.40 -49.26
N LYS B 460 -3.08 1.13 -48.88
CA LYS B 460 -1.97 0.59 -48.09
C LYS B 460 -0.64 0.67 -48.83
N VAL B 461 -0.66 0.33 -50.11
CA VAL B 461 0.53 0.45 -50.95
C VAL B 461 1.09 1.87 -50.87
N ALA B 462 0.21 2.86 -51.04
CA ALA B 462 0.58 4.28 -51.01
C ALA B 462 1.23 4.66 -49.69
N LEU B 463 0.70 4.10 -48.60
CA LEU B 463 1.24 4.34 -47.27
C LEU B 463 2.64 3.78 -47.13
N LEU B 464 2.84 2.56 -47.64
CA LEU B 464 4.15 1.92 -47.60
C LEU B 464 5.20 2.65 -48.43
N LYS B 465 4.76 3.36 -49.47
CA LYS B 465 5.68 4.13 -50.29
C LYS B 465 6.04 5.45 -49.61
N ALA B 466 5.17 5.92 -48.72
CA ALA B 466 5.44 7.09 -47.92
C ALA B 466 6.53 6.76 -46.90
N LEU B 467 6.36 5.60 -46.24
CA LEU B 467 7.33 5.08 -45.31
C LEU B 467 8.70 4.88 -45.96
N TRP B 468 8.68 4.45 -47.22
CA TRP B 468 9.91 4.31 -47.97
C TRP B 468 10.57 5.64 -48.20
N GLN B 469 9.82 6.61 -48.71
CA GLN B 469 10.35 7.94 -49.00
C GLN B 469 10.86 8.65 -47.76
N TYR B 470 10.07 8.59 -46.68
CA TYR B 470 10.47 9.22 -45.43
C TYR B 470 11.80 8.65 -44.93
N ALA B 471 11.90 7.33 -44.87
CA ALA B 471 13.14 6.68 -44.42
C ALA B 471 14.34 7.13 -45.23
N ASP B 472 14.13 7.32 -46.52
CA ASP B 472 15.18 7.76 -47.41
C ASP B 472 15.65 9.19 -47.16
N GLU B 473 14.71 10.10 -46.86
CA GLU B 473 15.04 11.47 -46.45
C GLU B 473 15.80 11.51 -45.14
N ILE B 474 15.36 10.68 -44.19
CA ILE B 474 15.92 10.65 -42.84
C ILE B 474 17.38 10.16 -42.80
N VAL B 475 17.71 9.12 -43.56
CA VAL B 475 19.08 8.59 -43.52
C VAL B 475 20.06 9.23 -44.51
N HIS B 476 19.58 10.13 -45.36
CA HIS B 476 20.47 10.83 -46.32
C HIS B 476 20.22 12.32 -46.36
#